data_4R0Y
#
_entry.id   4R0Y
#
_cell.length_a   99.110
_cell.length_b   158.676
_cell.length_c   65.494
_cell.angle_alpha   90.00
_cell.angle_beta   90.00
_cell.angle_gamma   90.00
#
_symmetry.space_group_name_H-M   'P 21 21 2'
#
loop_
_entity.id
_entity.type
_entity.pdbx_description
1 polymer 'Maltose-binding periplasmic protein, Disks large-associated protein 1'
2 water water
#
_entity_poly.entity_id   1
_entity_poly.type   'polypeptide(L)'
_entity_poly.pdbx_seq_one_letter_code
;KIEEGKLVIWINGDKGYNGLAEVGKKFEKDTGIKVTVEHPDKLEEKFPQVAATGDGPDIIFWAHDRFGGYAQSGLLAEIT
PDKAFQDKLYPFTWDAVRYNGKLIAYPIAVEALSLIYNKDLLPNPPKTWEEIPALDKELKAKGKSALMFNLQEPYFTWPL
IAADGGYAFKYENGKYDIKDVGVDNAGAKAGLTFLVDLIKNKHMNADTDYSIAEAAFNKGETAMTINGPWAWSNIDTSKV
NYGVTVLPTFKGQPSKPFVGVLSAGINAASPNKELAKEFLENYLLTDEGLEAVNKDKPLGAVALKSYEEELAKDPRIAAT
MENAQKGEIMPNIPQMSAFWYAVRTAVINAASGRQTVDEALAMDGHWFLKLLQAERDRMEGWCKQMEREERENNLPEDIL
GKIRTAVGSAQLLMAQKFYQFRELCEENLNPNAHPRPTSQDLAGFWDMLQLSIENISMKFDELHQLKANNWKQVDRSLES
SQRQEARKRLMAAKRAASVRQ
;
_entity_poly.pdbx_strand_id   A,B
#
# COMPACT_ATOMS: atom_id res chain seq x y z
N LYS A 1 11.87 14.51 -9.08
CA LYS A 1 11.91 14.96 -7.66
C LYS A 1 11.70 16.48 -7.59
N ILE A 2 10.63 16.94 -8.21
CA ILE A 2 10.28 18.36 -8.25
C ILE A 2 11.45 19.23 -8.69
N GLU A 3 11.44 19.60 -9.95
CA GLU A 3 12.49 20.43 -10.54
C GLU A 3 12.43 21.88 -10.11
N GLU A 4 13.59 22.49 -9.91
CA GLU A 4 13.69 23.88 -9.51
C GLU A 4 13.71 24.80 -10.73
N GLY A 5 13.15 26.00 -10.58
CA GLY A 5 13.14 26.95 -11.68
C GLY A 5 11.93 26.83 -12.60
N LYS A 6 10.90 26.14 -12.13
CA LYS A 6 9.68 26.00 -12.92
C LYS A 6 8.53 25.64 -11.99
N LEU A 7 7.32 25.55 -12.55
CA LEU A 7 6.16 25.21 -11.74
C LEU A 7 5.33 24.12 -12.40
N VAL A 8 4.98 23.13 -11.61
CA VAL A 8 4.14 22.04 -12.08
C VAL A 8 2.90 22.04 -11.18
N ILE A 9 1.74 22.14 -11.82
CA ILE A 9 0.46 22.22 -11.13
C ILE A 9 -0.46 21.04 -11.42
N TRP A 10 -1.10 20.51 -10.39
CA TRP A 10 -2.06 19.42 -10.54
C TRP A 10 -3.44 19.98 -10.21
N ILE A 11 -4.42 19.70 -11.07
CA ILE A 11 -5.78 20.15 -10.87
C ILE A 11 -6.68 19.05 -11.41
N ASN A 12 -7.88 18.92 -10.87
CA ASN A 12 -8.79 17.86 -11.30
C ASN A 12 -9.30 17.95 -12.74
N GLY A 13 -9.61 16.79 -13.31
CA GLY A 13 -10.09 16.73 -14.69
C GLY A 13 -11.34 17.51 -15.01
N ASP A 14 -12.18 17.76 -14.01
CA ASP A 14 -13.42 18.48 -14.24
C ASP A 14 -13.31 19.99 -14.04
N LYS A 15 -12.09 20.50 -13.96
CA LYS A 15 -11.87 21.94 -13.78
C LYS A 15 -11.36 22.56 -15.07
N GLY A 16 -11.27 23.89 -15.10
CA GLY A 16 -10.77 24.58 -16.28
C GLY A 16 -9.26 24.57 -16.43
N TYR A 17 -8.68 23.37 -16.57
CA TYR A 17 -7.23 23.27 -16.71
C TYR A 17 -6.63 23.92 -17.95
N ASN A 18 -7.44 24.18 -18.98
CA ASN A 18 -6.94 24.84 -20.18
C ASN A 18 -6.75 26.32 -19.87
N GLY A 19 -7.76 26.91 -19.22
CA GLY A 19 -7.68 28.31 -18.86
C GLY A 19 -6.54 28.52 -17.88
N LEU A 20 -6.34 27.54 -17.00
CA LEU A 20 -5.26 27.63 -16.03
C LEU A 20 -3.94 27.68 -16.80
N ALA A 21 -3.84 26.87 -17.84
CA ALA A 21 -2.63 26.84 -18.67
C ALA A 21 -2.46 28.20 -19.36
N GLU A 22 -3.58 28.85 -19.67
CA GLU A 22 -3.55 30.17 -20.29
C GLU A 22 -2.84 31.13 -19.33
N VAL A 23 -3.24 31.08 -18.07
CA VAL A 23 -2.63 31.93 -17.05
C VAL A 23 -1.17 31.53 -16.94
N GLY A 24 -0.93 30.23 -17.09
CA GLY A 24 0.43 29.71 -17.03
C GLY A 24 1.32 30.30 -18.11
N LYS A 25 0.82 30.37 -19.34
CA LYS A 25 1.60 30.95 -20.44
C LYS A 25 1.94 32.39 -20.15
N LYS A 26 0.98 33.15 -19.64
CA LYS A 26 1.19 34.54 -19.32
C LYS A 26 2.30 34.75 -18.27
N PHE A 27 2.36 33.84 -17.29
CA PHE A 27 3.37 33.91 -16.24
C PHE A 27 4.73 33.72 -16.89
N GLU A 28 4.82 32.74 -17.78
CA GLU A 28 6.08 32.46 -18.47
C GLU A 28 6.51 33.63 -19.35
N LYS A 29 5.54 34.33 -19.93
CA LYS A 29 5.82 35.45 -20.79
C LYS A 29 6.38 36.66 -20.04
N ASP A 30 6.06 36.76 -18.76
CA ASP A 30 6.54 37.87 -17.96
C ASP A 30 7.77 37.55 -17.14
N THR A 31 7.92 36.29 -16.77
CA THR A 31 9.03 35.87 -15.93
C THR A 31 9.99 34.89 -16.59
N GLY A 32 9.56 34.27 -17.67
CA GLY A 32 10.41 33.31 -18.35
C GLY A 32 10.35 31.94 -17.69
N ILE A 33 9.57 31.82 -16.61
CA ILE A 33 9.42 30.56 -15.90
C ILE A 33 8.29 29.75 -16.52
N LYS A 34 8.54 28.51 -16.88
CA LYS A 34 7.49 27.70 -17.48
C LYS A 34 6.56 27.12 -16.42
N VAL A 35 5.30 26.97 -16.81
CA VAL A 35 4.28 26.42 -15.93
C VAL A 35 3.60 25.25 -16.63
N THR A 36 3.59 24.09 -16.00
CA THR A 36 2.95 22.92 -16.57
C THR A 36 1.69 22.56 -15.80
N VAL A 37 0.58 22.40 -16.51
CA VAL A 37 -0.70 22.07 -15.89
C VAL A 37 -1.11 20.64 -16.22
N GLU A 38 -1.15 19.80 -15.19
CA GLU A 38 -1.51 18.41 -15.36
C GLU A 38 -2.79 18.09 -14.59
N HIS A 39 -3.46 17.03 -15.02
CA HIS A 39 -4.68 16.59 -14.35
C HIS A 39 -4.75 15.08 -14.34
N PRO A 40 -3.86 14.45 -13.56
CA PRO A 40 -3.79 12.99 -13.43
C PRO A 40 -5.04 12.40 -12.78
N ASP A 41 -5.13 11.07 -12.80
CA ASP A 41 -6.27 10.40 -12.19
C ASP A 41 -6.04 10.25 -10.70
N LYS A 42 -7.12 10.28 -9.93
CA LYS A 42 -7.07 10.14 -8.48
C LYS A 42 -5.91 10.92 -7.86
N LEU A 43 -5.72 12.16 -8.30
CA LEU A 43 -4.64 12.99 -7.79
C LEU A 43 -4.75 13.23 -6.29
N GLU A 44 -5.96 13.14 -5.74
CA GLU A 44 -6.16 13.33 -4.30
C GLU A 44 -5.56 12.13 -3.55
N GLU A 45 -5.41 11.01 -4.24
CA GLU A 45 -4.82 9.80 -3.68
C GLU A 45 -3.32 9.85 -3.97
N LYS A 46 -2.98 10.27 -5.20
CA LYS A 46 -1.60 10.34 -5.61
C LYS A 46 -0.79 11.42 -4.90
N PHE A 47 -1.35 12.61 -4.76
CA PHE A 47 -0.61 13.69 -4.12
C PHE A 47 0.06 13.26 -2.82
N PRO A 48 -0.72 12.83 -1.82
CA PRO A 48 -0.07 12.42 -0.56
C PRO A 48 0.99 11.32 -0.79
N GLN A 49 0.67 10.36 -1.65
CA GLN A 49 1.59 9.26 -1.96
C GLN A 49 2.95 9.77 -2.39
N VAL A 50 2.96 10.54 -3.49
CA VAL A 50 4.20 11.07 -4.03
C VAL A 50 4.80 12.22 -3.23
N ALA A 51 3.95 13.02 -2.60
CA ALA A 51 4.40 14.17 -1.82
C ALA A 51 5.19 13.74 -0.58
N ALA A 52 4.80 12.62 0.01
CA ALA A 52 5.48 12.13 1.20
C ALA A 52 6.93 11.73 0.88
N THR A 53 7.19 11.49 -0.40
CA THR A 53 8.53 11.10 -0.83
C THR A 53 9.26 12.22 -1.56
N GLY A 54 8.99 13.47 -1.16
CA GLY A 54 9.65 14.61 -1.78
C GLY A 54 9.31 14.93 -3.24
N ASP A 55 8.38 14.17 -3.82
CA ASP A 55 8.00 14.39 -5.21
C ASP A 55 6.63 15.04 -5.31
N GLY A 56 6.10 15.09 -6.53
CA GLY A 56 4.79 15.68 -6.74
C GLY A 56 4.85 17.06 -7.36
N PRO A 57 3.71 17.72 -7.54
CA PRO A 57 3.61 19.06 -8.13
C PRO A 57 4.01 20.12 -7.13
N ASP A 58 4.24 21.34 -7.61
CA ASP A 58 4.59 22.46 -6.74
C ASP A 58 3.29 22.95 -6.12
N ILE A 59 2.23 22.91 -6.92
CA ILE A 59 0.91 23.37 -6.50
C ILE A 59 -0.15 22.31 -6.77
N ILE A 60 -1.06 22.15 -5.82
CA ILE A 60 -2.13 21.20 -6.01
C ILE A 60 -3.45 21.90 -5.76
N PHE A 61 -4.37 21.76 -6.71
CA PHE A 61 -5.71 22.35 -6.57
C PHE A 61 -6.63 21.22 -6.17
N TRP A 62 -7.41 21.45 -5.13
CA TRP A 62 -8.35 20.44 -4.69
C TRP A 62 -9.29 21.00 -3.63
N ALA A 63 -10.41 20.33 -3.41
CA ALA A 63 -11.37 20.75 -2.40
C ALA A 63 -10.59 20.86 -1.09
N HIS A 64 -10.86 21.93 -0.36
CA HIS A 64 -10.19 22.25 0.90
C HIS A 64 -10.29 21.15 1.96
N ASP A 65 -11.34 20.34 1.88
CA ASP A 65 -11.57 19.30 2.89
C ASP A 65 -10.47 18.27 3.02
N ARG A 66 -9.68 18.08 1.97
CA ARG A 66 -8.59 17.09 2.05
C ARG A 66 -7.30 17.70 2.58
N PHE A 67 -7.19 19.02 2.53
CA PHE A 67 -5.96 19.67 2.96
C PHE A 67 -5.61 19.59 4.46
N GLY A 68 -6.59 19.47 5.33
CA GLY A 68 -6.27 19.35 6.75
C GLY A 68 -5.41 18.10 6.96
N GLY A 69 -5.87 16.99 6.38
CA GLY A 69 -5.12 15.75 6.49
C GLY A 69 -3.73 15.87 5.90
N TYR A 70 -3.62 16.51 4.73
CA TYR A 70 -2.31 16.70 4.08
C TYR A 70 -1.37 17.50 4.98
N ALA A 71 -1.85 18.60 5.55
CA ALA A 71 -1.03 19.44 6.41
C ALA A 71 -0.61 18.63 7.63
N GLN A 72 -1.53 17.85 8.16
CA GLN A 72 -1.28 17.02 9.33
C GLN A 72 -0.13 16.07 9.01
N SER A 73 -0.03 15.67 7.74
CA SER A 73 1.02 14.76 7.30
C SER A 73 2.29 15.50 6.87
N GLY A 74 2.27 16.82 6.98
CA GLY A 74 3.43 17.62 6.60
C GLY A 74 3.65 17.81 5.11
N LEU A 75 2.61 17.63 4.32
CA LEU A 75 2.70 17.75 2.87
C LEU A 75 2.53 19.15 2.28
N LEU A 76 1.98 20.07 3.06
CA LEU A 76 1.74 21.42 2.57
C LEU A 76 2.54 22.46 3.30
N ALA A 77 3.04 23.45 2.55
CA ALA A 77 3.80 24.51 3.19
C ALA A 77 2.82 25.53 3.74
N GLU A 78 3.28 26.33 4.69
CA GLU A 78 2.44 27.37 5.27
C GLU A 78 2.56 28.52 4.27
N ILE A 79 1.43 29.05 3.81
CA ILE A 79 1.50 30.15 2.85
C ILE A 79 1.59 31.45 3.61
N THR A 80 2.07 32.49 2.94
CA THR A 80 2.27 33.77 3.59
C THR A 80 1.68 35.03 2.94
N PRO A 81 0.37 35.05 2.68
CA PRO A 81 -0.18 36.26 2.06
C PRO A 81 -0.23 37.37 3.10
N ASP A 82 -0.05 38.63 2.69
CA ASP A 82 -0.10 39.74 3.64
C ASP A 82 -1.54 40.22 3.89
N LYS A 83 -1.70 41.12 4.86
CA LYS A 83 -3.00 41.66 5.23
C LYS A 83 -3.76 42.18 4.00
N ALA A 84 -3.06 42.88 3.12
CA ALA A 84 -3.69 43.41 1.92
C ALA A 84 -4.19 42.32 0.99
N PHE A 85 -3.43 41.24 0.83
CA PHE A 85 -3.92 40.18 -0.05
C PHE A 85 -5.10 39.44 0.55
N GLN A 86 -5.01 39.07 1.82
CA GLN A 86 -6.12 38.36 2.45
C GLN A 86 -7.41 39.18 2.37
N ASP A 87 -7.28 40.50 2.44
CA ASP A 87 -8.44 41.38 2.36
C ASP A 87 -9.13 41.31 0.99
N LYS A 88 -8.46 40.72 0.01
CA LYS A 88 -9.04 40.60 -1.33
C LYS A 88 -10.02 39.44 -1.47
N LEU A 89 -10.03 38.52 -0.51
CA LEU A 89 -10.92 37.37 -0.54
C LEU A 89 -11.91 37.42 0.61
N TYR A 90 -13.08 36.81 0.44
CA TYR A 90 -14.07 36.80 1.50
C TYR A 90 -13.47 36.13 2.74
N PRO A 91 -13.69 36.74 3.91
CA PRO A 91 -13.18 36.21 5.17
C PRO A 91 -13.44 34.73 5.39
N PHE A 92 -14.69 34.30 5.23
CA PHE A 92 -15.06 32.90 5.44
C PHE A 92 -14.25 31.86 4.65
N THR A 93 -13.75 32.22 3.47
CA THR A 93 -12.96 31.27 2.69
C THR A 93 -11.61 30.99 3.32
N TRP A 94 -11.04 31.98 4.02
CA TRP A 94 -9.75 31.78 4.68
C TRP A 94 -9.90 30.81 5.85
N ASP A 95 -11.11 30.69 6.37
CA ASP A 95 -11.37 29.79 7.47
C ASP A 95 -11.36 28.34 6.99
N ALA A 96 -11.48 28.14 5.67
CA ALA A 96 -11.49 26.80 5.12
C ALA A 96 -10.10 26.26 4.85
N VAL A 97 -9.08 27.11 4.90
CA VAL A 97 -7.72 26.65 4.62
C VAL A 97 -6.76 26.83 5.78
N ARG A 98 -7.28 26.63 6.99
CA ARG A 98 -6.49 26.76 8.21
C ARG A 98 -6.28 25.43 8.92
N TYR A 99 -5.04 25.16 9.29
CA TYR A 99 -4.72 23.95 10.03
C TYR A 99 -3.89 24.41 11.22
N ASN A 100 -4.38 24.14 12.42
CA ASN A 100 -3.69 24.54 13.65
C ASN A 100 -3.25 26.00 13.58
N GLY A 101 -4.22 26.88 13.38
CA GLY A 101 -3.93 28.30 13.33
C GLY A 101 -3.15 28.83 12.13
N LYS A 102 -2.61 27.94 11.31
CA LYS A 102 -1.84 28.37 10.14
C LYS A 102 -2.56 28.22 8.80
N LEU A 103 -2.26 29.11 7.86
CA LEU A 103 -2.85 29.07 6.52
C LEU A 103 -2.05 28.06 5.69
N ILE A 104 -2.74 27.11 5.08
CA ILE A 104 -2.07 26.09 4.29
C ILE A 104 -2.52 26.02 2.83
N ALA A 105 -3.26 27.01 2.36
CA ALA A 105 -3.70 27.01 0.97
C ALA A 105 -4.42 28.29 0.60
N TYR A 106 -4.48 28.57 -0.70
CA TYR A 106 -5.20 29.74 -1.21
C TYR A 106 -6.60 29.35 -1.68
N PRO A 107 -7.65 30.02 -1.15
CA PRO A 107 -9.03 29.72 -1.53
C PRO A 107 -9.22 30.21 -2.99
N ILE A 108 -9.89 29.43 -3.82
CA ILE A 108 -10.12 29.80 -5.23
C ILE A 108 -11.62 30.02 -5.53
N ALA A 109 -12.39 28.95 -5.38
CA ALA A 109 -13.83 28.96 -5.65
C ALA A 109 -14.65 28.47 -4.46
N VAL A 110 -15.94 28.80 -4.48
CA VAL A 110 -16.88 28.43 -3.42
C VAL A 110 -18.08 27.68 -4.01
N GLU A 111 -18.48 26.60 -3.34
CA GLU A 111 -19.59 25.78 -3.80
C GLU A 111 -20.50 25.36 -2.65
N ALA A 112 -21.81 25.45 -2.88
CA ALA A 112 -22.79 25.07 -1.87
C ALA A 112 -24.13 24.79 -2.55
N LEU A 113 -24.99 24.03 -1.89
CA LEU A 113 -26.31 23.75 -2.44
C LEU A 113 -27.20 25.00 -2.42
N SER A 114 -28.21 25.00 -3.28
CA SER A 114 -29.16 26.09 -3.36
C SER A 114 -30.54 25.50 -3.67
N LEU A 115 -31.58 26.30 -3.51
CA LEU A 115 -32.93 25.88 -3.81
C LEU A 115 -33.12 26.16 -5.31
N ILE A 116 -33.44 25.13 -6.09
CA ILE A 116 -33.67 25.32 -7.53
C ILE A 116 -35.18 25.15 -7.75
N TYR A 117 -35.80 26.11 -8.41
CA TYR A 117 -37.25 26.04 -8.64
C TYR A 117 -37.69 26.28 -10.08
N ASN A 118 -38.81 25.65 -10.43
CA ASN A 118 -39.40 25.76 -11.75
C ASN A 118 -40.27 27.03 -11.74
N LYS A 119 -39.80 28.08 -12.42
CA LYS A 119 -40.53 29.34 -12.47
C LYS A 119 -41.95 29.23 -13.01
N ASP A 120 -42.22 28.21 -13.83
CA ASP A 120 -43.56 28.04 -14.38
C ASP A 120 -44.56 27.46 -13.39
N LEU A 121 -44.11 26.54 -12.56
CA LEU A 121 -44.97 25.92 -11.56
C LEU A 121 -44.98 26.77 -10.29
N LEU A 122 -43.89 27.48 -10.05
CA LEU A 122 -43.76 28.27 -8.85
C LEU A 122 -42.96 29.56 -9.02
N PRO A 123 -43.62 30.64 -9.49
CA PRO A 123 -42.94 31.92 -9.69
C PRO A 123 -42.36 32.54 -8.40
N ASN A 124 -42.97 32.22 -7.25
CA ASN A 124 -42.47 32.76 -5.99
C ASN A 124 -42.10 31.61 -5.06
N PRO A 125 -40.82 31.20 -5.07
CA PRO A 125 -40.39 30.10 -4.21
C PRO A 125 -40.59 30.42 -2.72
N PRO A 126 -40.94 29.39 -1.93
CA PRO A 126 -41.16 29.55 -0.49
C PRO A 126 -39.91 30.02 0.24
N LYS A 127 -40.09 30.84 1.27
CA LYS A 127 -38.95 31.33 2.04
C LYS A 127 -38.70 30.46 3.25
N THR A 128 -39.69 29.65 3.63
CA THR A 128 -39.55 28.79 4.80
C THR A 128 -39.84 27.33 4.48
N TRP A 129 -39.24 26.42 5.24
CA TRP A 129 -39.49 25.01 5.05
C TRP A 129 -40.90 24.73 5.55
N GLU A 130 -41.29 25.43 6.61
CA GLU A 130 -42.60 25.21 7.21
C GLU A 130 -43.79 25.39 6.27
N GLU A 131 -43.63 26.16 5.20
CA GLU A 131 -44.75 26.35 4.30
C GLU A 131 -44.73 25.39 3.11
N ILE A 132 -43.82 24.42 3.13
CA ILE A 132 -43.72 23.48 2.03
C ILE A 132 -44.80 22.40 2.03
N PRO A 133 -45.18 21.88 3.21
CA PRO A 133 -46.23 20.86 3.17
C PRO A 133 -47.50 21.40 2.50
N ALA A 134 -47.92 22.61 2.88
CA ALA A 134 -49.11 23.23 2.32
C ALA A 134 -48.97 23.47 0.82
N LEU A 135 -47.77 23.86 0.40
CA LEU A 135 -47.50 24.12 -1.01
C LEU A 135 -47.61 22.81 -1.80
N ASP A 136 -47.19 21.72 -1.18
CA ASP A 136 -47.22 20.41 -1.80
C ASP A 136 -48.66 19.94 -2.03
N LYS A 137 -49.52 20.16 -1.05
CA LYS A 137 -50.91 19.75 -1.21
C LYS A 137 -51.53 20.48 -2.40
N GLU A 138 -51.25 21.77 -2.52
CA GLU A 138 -51.80 22.56 -3.63
C GLU A 138 -51.30 22.01 -4.97
N LEU A 139 -50.02 21.68 -5.04
CA LEU A 139 -49.41 21.15 -6.26
C LEU A 139 -49.82 19.72 -6.55
N LYS A 140 -50.06 18.94 -5.49
CA LYS A 140 -50.47 17.55 -5.66
C LYS A 140 -51.86 17.46 -6.29
N ALA A 141 -52.69 18.48 -6.05
CA ALA A 141 -54.04 18.50 -6.63
C ALA A 141 -53.92 18.58 -8.14
N LYS A 142 -52.77 19.07 -8.61
CA LYS A 142 -52.52 19.23 -10.03
C LYS A 142 -51.59 18.11 -10.49
N GLY A 143 -51.38 17.12 -9.61
CA GLY A 143 -50.53 15.99 -9.94
C GLY A 143 -49.03 16.28 -9.84
N LYS A 144 -48.67 17.50 -9.45
CA LYS A 144 -47.26 17.87 -9.31
C LYS A 144 -46.76 17.65 -7.88
N SER A 145 -45.45 17.82 -7.69
CA SER A 145 -44.82 17.66 -6.40
C SER A 145 -44.25 19.02 -6.03
N ALA A 146 -44.16 19.34 -4.74
CA ALA A 146 -43.59 20.64 -4.37
C ALA A 146 -42.05 20.56 -4.39
N LEU A 147 -41.52 19.51 -3.78
CA LEU A 147 -40.07 19.36 -3.69
C LEU A 147 -39.57 17.92 -3.78
N MET A 148 -38.46 17.75 -4.50
CA MET A 148 -37.83 16.46 -4.63
C MET A 148 -36.31 16.59 -4.70
N PHE A 149 -35.63 16.01 -3.72
CA PHE A 149 -34.18 16.02 -3.70
C PHE A 149 -33.68 14.71 -3.12
N ASN A 150 -32.38 14.47 -3.29
CA ASN A 150 -31.72 13.27 -2.83
C ASN A 150 -31.70 13.10 -1.32
N LEU A 151 -32.57 12.25 -0.80
CA LEU A 151 -32.65 12.03 0.63
C LEU A 151 -31.72 10.90 1.06
N GLN A 152 -30.98 10.32 0.12
CA GLN A 152 -30.08 9.22 0.43
C GLN A 152 -28.72 9.65 1.00
N GLU A 153 -28.22 10.80 0.55
CA GLU A 153 -26.94 11.31 1.02
C GLU A 153 -27.10 12.43 2.05
N PRO A 154 -26.40 12.33 3.18
CA PRO A 154 -26.48 13.35 4.25
C PRO A 154 -26.08 14.73 3.78
N TYR A 155 -25.24 14.78 2.74
CA TYR A 155 -24.81 16.06 2.20
C TYR A 155 -26.04 16.87 1.81
N PHE A 156 -27.04 16.19 1.24
CA PHE A 156 -28.26 16.84 0.78
C PHE A 156 -29.32 17.15 1.83
N THR A 157 -29.31 16.43 2.95
CA THR A 157 -30.32 16.69 3.97
C THR A 157 -29.75 17.54 5.11
N TRP A 158 -28.43 17.66 5.15
CA TRP A 158 -27.77 18.40 6.20
C TRP A 158 -28.24 19.84 6.39
N PRO A 159 -28.43 20.60 5.30
CA PRO A 159 -28.88 21.99 5.41
C PRO A 159 -30.08 22.18 6.35
N LEU A 160 -31.06 21.29 6.23
CA LEU A 160 -32.26 21.35 7.06
C LEU A 160 -31.90 20.90 8.47
N ILE A 161 -31.20 19.79 8.56
CA ILE A 161 -30.79 19.23 9.84
C ILE A 161 -29.95 20.18 10.67
N ALA A 162 -29.03 20.91 10.03
CA ALA A 162 -28.16 21.85 10.75
C ALA A 162 -28.74 23.25 10.96
N ALA A 163 -29.80 23.58 10.22
CA ALA A 163 -30.43 24.88 10.30
C ALA A 163 -30.61 25.46 11.70
N ASP A 164 -31.27 24.71 12.57
CA ASP A 164 -31.55 25.19 13.92
C ASP A 164 -30.53 24.78 15.00
N GLY A 165 -29.25 24.69 14.62
CA GLY A 165 -28.24 24.35 15.61
C GLY A 165 -27.33 23.16 15.35
N GLY A 166 -27.56 22.41 14.28
CA GLY A 166 -26.71 21.27 14.02
C GLY A 166 -25.36 21.72 13.47
N TYR A 167 -24.36 20.84 13.58
CA TYR A 167 -23.00 21.09 13.07
C TYR A 167 -22.24 19.79 13.19
N ALA A 168 -21.20 19.61 12.37
CA ALA A 168 -20.43 18.37 12.38
C ALA A 168 -19.46 18.27 13.55
N PHE A 169 -18.37 19.03 13.47
CA PHE A 169 -17.37 19.07 14.51
C PHE A 169 -17.16 20.54 14.82
N LYS A 170 -17.02 20.89 16.11
CA LYS A 170 -16.81 22.26 16.52
C LYS A 170 -15.47 22.79 15.98
N TYR A 171 -15.48 24.01 15.44
CA TYR A 171 -14.29 24.64 14.87
C TYR A 171 -13.71 25.76 15.75
N GLU A 172 -12.39 25.74 15.93
CA GLU A 172 -11.67 26.72 16.74
C GLU A 172 -10.30 26.99 16.17
N ASN A 173 -10.07 28.23 15.72
CA ASN A 173 -8.79 28.65 15.15
C ASN A 173 -8.07 27.54 14.36
N GLY A 174 -8.63 27.20 13.21
CA GLY A 174 -8.04 26.18 12.38
C GLY A 174 -7.97 24.78 12.95
N LYS A 175 -8.74 24.51 14.00
CA LYS A 175 -8.76 23.20 14.64
C LYS A 175 -10.18 22.73 14.92
N TYR A 176 -10.44 21.45 14.61
CA TYR A 176 -11.75 20.85 14.85
C TYR A 176 -11.70 19.93 16.07
N ASP A 177 -12.69 20.09 16.94
CA ASP A 177 -12.77 19.31 18.18
C ASP A 177 -13.54 18.02 17.93
N ILE A 178 -12.80 16.92 17.87
CA ILE A 178 -13.40 15.62 17.61
C ILE A 178 -14.24 15.13 18.78
N LYS A 179 -14.12 15.80 19.93
CA LYS A 179 -14.89 15.43 21.12
C LYS A 179 -16.18 16.22 21.15
N ASP A 180 -16.30 17.18 20.23
CA ASP A 180 -17.49 18.02 20.14
C ASP A 180 -18.17 17.92 18.79
N VAL A 181 -19.08 16.96 18.67
CA VAL A 181 -19.85 16.71 17.46
C VAL A 181 -21.26 17.25 17.69
N GLY A 182 -21.77 18.03 16.74
CA GLY A 182 -23.09 18.61 16.89
C GLY A 182 -24.27 17.95 16.23
N VAL A 183 -24.31 16.63 16.22
CA VAL A 183 -25.41 15.89 15.61
C VAL A 183 -26.47 15.53 16.64
N ASP A 184 -26.05 15.38 17.89
CA ASP A 184 -26.96 15.01 18.97
C ASP A 184 -27.34 16.21 19.83
N ASN A 185 -28.17 17.11 19.28
CA ASN A 185 -28.63 18.27 20.01
C ASN A 185 -30.06 18.62 19.61
N ALA A 186 -30.65 19.55 20.34
CA ALA A 186 -32.02 19.99 20.10
C ALA A 186 -32.26 20.43 18.65
N GLY A 187 -31.36 21.24 18.13
CA GLY A 187 -31.50 21.74 16.76
C GLY A 187 -31.46 20.68 15.68
N ALA A 188 -30.49 19.77 15.78
CA ALA A 188 -30.35 18.71 14.80
C ALA A 188 -31.56 17.81 14.85
N LYS A 189 -32.10 17.65 16.05
CA LYS A 189 -33.27 16.81 16.27
C LYS A 189 -34.51 17.40 15.59
N ALA A 190 -34.77 18.67 15.86
CA ALA A 190 -35.91 19.37 15.28
C ALA A 190 -35.87 19.26 13.75
N GLY A 191 -34.68 19.42 13.19
CA GLY A 191 -34.51 19.35 11.75
C GLY A 191 -34.83 17.99 11.17
N LEU A 192 -34.22 16.94 11.71
CA LEU A 192 -34.49 15.60 11.19
C LEU A 192 -35.95 15.23 11.44
N THR A 193 -36.55 15.78 12.48
CA THR A 193 -37.95 15.48 12.78
C THR A 193 -38.87 16.08 11.71
N PHE A 194 -38.55 17.29 11.26
CA PHE A 194 -39.35 17.94 10.23
C PHE A 194 -39.23 17.12 8.96
N LEU A 195 -38.01 16.70 8.63
CA LEU A 195 -37.77 15.89 7.44
C LEU A 195 -38.56 14.59 7.54
N VAL A 196 -38.44 13.92 8.69
CA VAL A 196 -39.16 12.67 8.92
C VAL A 196 -40.65 12.87 8.70
N ASP A 197 -41.20 13.92 9.31
CA ASP A 197 -42.62 14.20 9.15
C ASP A 197 -43.01 14.36 7.68
N LEU A 198 -42.22 15.14 6.94
CA LEU A 198 -42.50 15.35 5.52
C LEU A 198 -42.70 14.00 4.83
N ILE A 199 -41.87 13.03 5.19
CA ILE A 199 -41.96 11.69 4.62
C ILE A 199 -43.24 10.97 5.09
N LYS A 200 -43.56 11.14 6.37
CA LYS A 200 -44.76 10.52 6.94
C LYS A 200 -46.01 11.06 6.28
N ASN A 201 -46.09 12.39 6.19
CA ASN A 201 -47.23 13.07 5.61
C ASN A 201 -47.34 12.99 4.08
N LYS A 202 -46.62 12.05 3.48
CA LYS A 202 -46.65 11.83 2.04
C LYS A 202 -46.19 13.01 1.17
N HIS A 203 -45.35 13.88 1.74
CA HIS A 203 -44.85 15.02 0.98
C HIS A 203 -43.51 14.66 0.31
N MET A 204 -42.93 13.53 0.73
CA MET A 204 -41.68 13.04 0.17
C MET A 204 -41.53 11.54 0.38
N ASN A 205 -40.77 10.88 -0.49
CA ASN A 205 -40.54 9.44 -0.37
C ASN A 205 -39.13 9.17 0.13
N ALA A 206 -39.01 8.31 1.14
CA ALA A 206 -37.73 7.98 1.72
C ALA A 206 -36.74 7.37 0.72
N ASP A 207 -37.26 6.84 -0.37
CA ASP A 207 -36.41 6.21 -1.39
C ASP A 207 -35.93 7.17 -2.47
N THR A 208 -36.38 8.42 -2.43
CA THR A 208 -35.94 9.38 -3.44
C THR A 208 -34.43 9.53 -3.43
N ASP A 209 -33.80 9.28 -4.57
CA ASP A 209 -32.35 9.39 -4.67
C ASP A 209 -31.99 10.55 -5.59
N TYR A 210 -30.72 10.66 -5.91
CA TYR A 210 -30.25 11.75 -6.77
C TYR A 210 -30.89 11.70 -8.15
N SER A 211 -30.88 10.53 -8.79
CA SER A 211 -31.44 10.41 -10.12
C SER A 211 -32.94 10.66 -10.18
N ILE A 212 -33.69 10.08 -9.27
CA ILE A 212 -35.13 10.27 -9.26
C ILE A 212 -35.46 11.76 -9.14
N ALA A 213 -34.79 12.44 -8.22
CA ALA A 213 -35.02 13.86 -8.01
C ALA A 213 -34.67 14.65 -9.25
N GLU A 214 -33.49 14.41 -9.80
CA GLU A 214 -33.07 15.12 -11.00
C GLU A 214 -34.04 14.91 -12.15
N ALA A 215 -34.50 13.68 -12.30
CA ALA A 215 -35.45 13.34 -13.36
C ALA A 215 -36.78 14.08 -13.16
N ALA A 216 -37.30 14.05 -11.93
CA ALA A 216 -38.56 14.72 -11.63
C ALA A 216 -38.51 16.21 -11.96
N PHE A 217 -37.45 16.90 -11.54
CA PHE A 217 -37.37 18.33 -11.79
C PHE A 217 -37.17 18.65 -13.28
N ASN A 218 -36.27 17.93 -13.93
CA ASN A 218 -35.97 18.17 -15.33
C ASN A 218 -37.13 17.84 -16.28
N LYS A 219 -38.08 17.05 -15.80
CA LYS A 219 -39.25 16.70 -16.60
C LYS A 219 -40.47 17.55 -16.18
N GLY A 220 -40.25 18.55 -15.33
CA GLY A 220 -41.34 19.41 -14.89
C GLY A 220 -42.37 18.78 -13.95
N GLU A 221 -41.99 17.72 -13.25
CA GLU A 221 -42.89 17.02 -12.34
C GLU A 221 -42.87 17.57 -10.92
N THR A 222 -41.83 18.31 -10.56
CA THR A 222 -41.73 18.88 -9.22
C THR A 222 -41.29 20.33 -9.31
N ALA A 223 -41.92 21.19 -8.51
CA ALA A 223 -41.64 22.61 -8.53
C ALA A 223 -40.26 23.03 -8.04
N MET A 224 -39.62 22.18 -7.25
CA MET A 224 -38.32 22.52 -6.69
C MET A 224 -37.46 21.31 -6.43
N THR A 225 -36.16 21.56 -6.30
CA THR A 225 -35.20 20.52 -5.98
C THR A 225 -34.04 21.22 -5.28
N ILE A 226 -33.19 20.46 -4.62
CA ILE A 226 -32.04 21.04 -3.96
C ILE A 226 -30.83 20.40 -4.62
N ASN A 227 -29.98 21.22 -5.23
CA ASN A 227 -28.80 20.70 -5.90
C ASN A 227 -27.72 21.76 -6.07
N GLY A 228 -26.56 21.33 -6.54
CA GLY A 228 -25.43 22.23 -6.73
C GLY A 228 -25.18 22.66 -8.17
N PRO A 229 -24.21 23.56 -8.40
CA PRO A 229 -23.84 24.09 -9.72
C PRO A 229 -23.54 23.03 -10.78
N TRP A 230 -23.19 21.83 -10.34
CA TRP A 230 -22.88 20.73 -11.25
C TRP A 230 -24.10 20.20 -11.98
N ALA A 231 -25.29 20.57 -11.48
CA ALA A 231 -26.52 20.10 -12.10
C ALA A 231 -27.14 21.11 -13.06
N TRP A 232 -26.63 22.33 -13.06
CA TRP A 232 -27.17 23.38 -13.92
C TRP A 232 -27.15 23.07 -15.42
N SER A 233 -26.05 22.54 -15.95
CA SER A 233 -26.00 22.24 -17.38
C SER A 233 -27.11 21.26 -17.81
N ASN A 234 -27.41 20.27 -16.99
CA ASN A 234 -28.48 19.32 -17.33
C ASN A 234 -29.84 19.99 -17.37
N ILE A 235 -30.06 20.95 -16.46
CA ILE A 235 -31.34 21.63 -16.44
C ILE A 235 -31.47 22.55 -17.66
N ASP A 236 -30.36 23.20 -18.03
CA ASP A 236 -30.34 24.10 -19.18
C ASP A 236 -30.85 23.42 -20.45
N THR A 237 -30.45 22.16 -20.64
CA THR A 237 -30.87 21.43 -21.82
C THR A 237 -32.30 20.87 -21.68
N SER A 238 -32.81 20.82 -20.45
CA SER A 238 -34.16 20.30 -20.23
C SER A 238 -35.15 21.38 -20.66
N LYS A 239 -34.65 22.60 -20.75
CA LYS A 239 -35.48 23.74 -21.17
C LYS A 239 -36.49 24.18 -20.10
N VAL A 240 -36.41 23.57 -18.93
CA VAL A 240 -37.30 23.94 -17.83
C VAL A 240 -36.90 25.37 -17.47
N ASN A 241 -37.87 26.27 -17.40
CA ASN A 241 -37.57 27.65 -17.03
C ASN A 241 -37.33 27.66 -15.51
N TYR A 242 -36.06 27.57 -15.09
CA TYR A 242 -35.75 27.53 -13.66
C TYR A 242 -35.02 28.74 -13.11
N GLY A 243 -34.95 28.76 -11.78
CA GLY A 243 -34.28 29.81 -11.05
C GLY A 243 -33.50 29.16 -9.91
N VAL A 244 -32.54 29.88 -9.36
CA VAL A 244 -31.74 29.36 -8.26
C VAL A 244 -31.79 30.42 -7.17
N THR A 245 -32.10 30.00 -5.95
CA THR A 245 -32.23 30.98 -4.87
C THR A 245 -31.80 30.48 -3.48
N VAL A 246 -31.89 31.36 -2.50
CA VAL A 246 -31.51 31.00 -1.14
C VAL A 246 -32.39 29.84 -0.61
N LEU A 247 -31.76 28.89 0.09
CA LEU A 247 -32.51 27.77 0.64
C LEU A 247 -33.55 28.33 1.62
N PRO A 248 -34.62 27.58 1.87
CA PRO A 248 -35.66 28.05 2.80
C PRO A 248 -35.14 28.03 4.25
N THR A 249 -35.73 28.86 5.11
CA THR A 249 -35.34 28.90 6.51
C THR A 249 -36.11 27.83 7.30
N PHE A 250 -35.61 27.50 8.49
CA PHE A 250 -36.28 26.53 9.34
C PHE A 250 -36.26 27.08 10.75
N LYS A 251 -37.44 27.19 11.35
CA LYS A 251 -37.58 27.74 12.69
C LYS A 251 -36.93 29.11 12.67
N GLY A 252 -37.06 29.78 11.53
CA GLY A 252 -36.53 31.12 11.37
C GLY A 252 -35.05 31.24 11.06
N GLN A 253 -34.30 30.14 11.14
CA GLN A 253 -32.85 30.17 10.87
C GLN A 253 -32.51 29.72 9.45
N PRO A 254 -31.43 30.29 8.87
CA PRO A 254 -31.04 29.91 7.51
C PRO A 254 -30.68 28.43 7.41
N SER A 255 -30.94 27.83 6.25
CA SER A 255 -30.56 26.43 6.05
C SER A 255 -29.05 26.59 5.99
N LYS A 256 -28.32 25.57 6.42
CA LYS A 256 -26.86 25.66 6.45
C LYS A 256 -26.20 24.53 5.70
N PRO A 257 -26.08 24.69 4.37
CA PRO A 257 -25.45 23.65 3.59
C PRO A 257 -23.94 23.63 3.81
N PHE A 258 -23.33 22.48 3.56
CA PHE A 258 -21.89 22.37 3.66
C PHE A 258 -21.27 23.17 2.53
N VAL A 259 -20.16 23.82 2.81
CA VAL A 259 -19.48 24.62 1.82
C VAL A 259 -18.17 23.94 1.45
N GLY A 260 -17.91 23.88 0.14
CA GLY A 260 -16.69 23.28 -0.37
C GLY A 260 -15.88 24.38 -1.06
N VAL A 261 -14.64 24.55 -0.64
CA VAL A 261 -13.81 25.59 -1.22
C VAL A 261 -12.65 25.01 -2.01
N LEU A 262 -12.69 25.19 -3.34
CA LEU A 262 -11.63 24.71 -4.19
C LEU A 262 -10.42 25.53 -3.76
N SER A 263 -9.31 24.87 -3.45
CA SER A 263 -8.14 25.60 -2.99
C SER A 263 -6.83 25.17 -3.62
N ALA A 264 -5.82 26.03 -3.52
CA ALA A 264 -4.49 25.77 -4.07
C ALA A 264 -3.43 25.73 -2.97
N GLY A 265 -2.88 24.54 -2.74
CA GLY A 265 -1.84 24.37 -1.73
C GLY A 265 -0.47 24.20 -2.36
N ILE A 266 0.55 24.68 -1.66
CA ILE A 266 1.94 24.58 -2.13
C ILE A 266 2.64 23.38 -1.46
N ASN A 267 3.15 22.47 -2.29
CA ASN A 267 3.85 21.25 -1.84
C ASN A 267 4.96 21.64 -0.88
N ALA A 268 4.95 21.07 0.32
CA ALA A 268 5.98 21.37 1.31
C ALA A 268 7.36 21.04 0.78
N ALA A 269 7.42 20.10 -0.16
CA ALA A 269 8.69 19.66 -0.75
C ALA A 269 9.13 20.53 -1.91
N SER A 270 8.31 21.51 -2.28
CA SER A 270 8.64 22.38 -3.40
C SER A 270 9.76 23.38 -3.16
N PRO A 271 10.75 23.39 -4.07
CA PRO A 271 11.88 24.30 -3.98
C PRO A 271 11.52 25.64 -4.64
N ASN A 272 10.28 25.72 -5.12
CA ASN A 272 9.76 26.91 -5.81
C ASN A 272 8.63 27.65 -5.09
N LYS A 273 8.61 27.56 -3.76
CA LYS A 273 7.56 28.19 -2.97
C LYS A 273 7.35 29.68 -3.28
N GLU A 274 8.43 30.41 -3.56
CA GLU A 274 8.30 31.84 -3.86
C GLU A 274 7.66 32.07 -5.24
N LEU A 275 7.99 31.22 -6.21
CA LEU A 275 7.42 31.32 -7.55
C LEU A 275 5.93 30.97 -7.50
N ALA A 276 5.60 29.92 -6.75
CA ALA A 276 4.22 29.47 -6.61
C ALA A 276 3.37 30.59 -5.99
N LYS A 277 3.93 31.28 -4.99
CA LYS A 277 3.21 32.37 -4.34
C LYS A 277 2.95 33.49 -5.35
N GLU A 278 3.98 33.88 -6.06
CA GLU A 278 3.86 34.92 -7.07
C GLU A 278 2.77 34.56 -8.07
N PHE A 279 2.84 33.33 -8.59
CA PHE A 279 1.86 32.85 -9.58
C PHE A 279 0.43 32.89 -9.04
N LEU A 280 0.26 32.38 -7.82
CA LEU A 280 -1.05 32.31 -7.22
C LEU A 280 -1.60 33.65 -6.80
N GLU A 281 -0.78 34.48 -6.18
CA GLU A 281 -1.28 35.76 -5.70
C GLU A 281 -1.44 36.83 -6.76
N ASN A 282 -0.54 36.87 -7.73
CA ASN A 282 -0.60 37.93 -8.73
C ASN A 282 -0.97 37.54 -10.15
N TYR A 283 -1.16 36.26 -10.41
CA TYR A 283 -1.54 35.84 -11.74
C TYR A 283 -2.88 35.12 -11.78
N LEU A 284 -3.04 34.09 -10.94
CA LEU A 284 -4.30 33.35 -10.91
C LEU A 284 -5.39 34.10 -10.14
N LEU A 285 -5.13 34.45 -8.88
CA LEU A 285 -6.11 35.17 -8.07
C LEU A 285 -6.29 36.64 -8.44
N THR A 286 -6.56 36.87 -9.73
CA THR A 286 -6.83 38.22 -10.27
C THR A 286 -8.09 38.04 -11.12
N ASP A 287 -8.76 39.13 -11.46
CA ASP A 287 -9.98 39.01 -12.27
C ASP A 287 -9.63 38.30 -13.57
N GLU A 288 -8.50 38.67 -14.15
CA GLU A 288 -8.06 38.06 -15.40
C GLU A 288 -7.70 36.59 -15.27
N GLY A 289 -7.02 36.24 -14.19
CA GLY A 289 -6.65 34.86 -13.99
C GLY A 289 -7.88 33.98 -13.82
N LEU A 290 -8.78 34.38 -12.92
CA LEU A 290 -9.98 33.60 -12.67
C LEU A 290 -10.91 33.60 -13.88
N GLU A 291 -10.99 34.73 -14.56
CA GLU A 291 -11.83 34.82 -15.75
C GLU A 291 -11.40 33.76 -16.76
N ALA A 292 -10.10 33.63 -16.98
CA ALA A 292 -9.60 32.64 -17.94
C ALA A 292 -9.99 31.22 -17.56
N VAL A 293 -9.89 30.91 -16.27
CA VAL A 293 -10.23 29.58 -15.78
C VAL A 293 -11.74 29.38 -15.92
N ASN A 294 -12.50 30.38 -15.49
CA ASN A 294 -13.96 30.33 -15.55
C ASN A 294 -14.53 30.14 -16.96
N LYS A 295 -13.94 30.81 -17.96
CA LYS A 295 -14.44 30.66 -19.33
C LYS A 295 -14.25 29.23 -19.84
N ASP A 296 -13.20 28.55 -19.38
CA ASP A 296 -12.95 27.18 -19.79
C ASP A 296 -13.91 26.21 -19.07
N LYS A 297 -14.08 26.41 -17.76
CA LYS A 297 -14.98 25.59 -16.95
C LYS A 297 -15.46 26.48 -15.81
N PRO A 298 -16.76 26.78 -15.75
CA PRO A 298 -17.30 27.64 -14.70
C PRO A 298 -16.83 27.24 -13.30
N LEU A 299 -16.37 28.23 -12.54
CA LEU A 299 -15.89 28.00 -11.18
C LEU A 299 -17.04 28.17 -10.19
N GLY A 300 -18.15 28.73 -10.66
CA GLY A 300 -19.29 28.97 -9.79
C GLY A 300 -18.99 30.29 -9.09
N ALA A 301 -19.13 30.33 -7.77
CA ALA A 301 -18.82 31.56 -7.04
C ALA A 301 -17.32 31.48 -6.76
N VAL A 302 -16.64 32.62 -6.70
CA VAL A 302 -15.20 32.62 -6.44
C VAL A 302 -14.90 33.31 -5.13
N ALA A 303 -13.70 33.09 -4.62
CA ALA A 303 -13.29 33.69 -3.35
C ALA A 303 -12.83 35.14 -3.50
N LEU A 304 -12.37 35.51 -4.68
CA LEU A 304 -11.88 36.86 -4.92
C LEU A 304 -13.04 37.85 -4.98
N LYS A 305 -13.10 38.77 -4.03
CA LYS A 305 -14.19 39.76 -3.96
C LYS A 305 -14.46 40.51 -5.27
N SER A 306 -13.41 41.09 -5.84
CA SER A 306 -13.55 41.86 -7.08
C SER A 306 -14.21 41.08 -8.21
N TYR A 307 -13.79 39.84 -8.41
CA TYR A 307 -14.35 39.04 -9.50
C TYR A 307 -15.73 38.43 -9.20
N GLU A 308 -15.98 38.08 -7.94
CA GLU A 308 -17.29 37.52 -7.56
C GLU A 308 -18.35 38.60 -7.73
N GLU A 309 -18.02 39.84 -7.35
CA GLU A 309 -18.97 40.94 -7.49
C GLU A 309 -19.44 40.97 -8.94
N GLU A 310 -18.52 40.68 -9.85
CA GLU A 310 -18.81 40.62 -11.27
C GLU A 310 -19.64 39.36 -11.56
N LEU A 311 -19.12 38.20 -11.17
CA LEU A 311 -19.84 36.94 -11.41
C LEU A 311 -21.25 36.90 -10.80
N ALA A 312 -21.46 37.61 -9.69
CA ALA A 312 -22.76 37.61 -9.03
C ALA A 312 -23.84 38.35 -9.81
N LYS A 313 -23.47 38.94 -10.95
CA LYS A 313 -24.46 39.63 -11.77
C LYS A 313 -25.45 38.53 -12.20
N ASP A 314 -24.97 37.29 -12.21
CA ASP A 314 -25.78 36.12 -12.54
C ASP A 314 -26.41 35.66 -11.22
N PRO A 315 -27.75 35.76 -11.11
CA PRO A 315 -28.51 35.38 -9.91
C PRO A 315 -28.21 34.00 -9.32
N ARG A 316 -27.90 33.04 -10.18
CA ARG A 316 -27.60 31.68 -9.74
C ARG A 316 -26.31 31.67 -8.93
N ILE A 317 -25.30 32.41 -9.40
CA ILE A 317 -24.02 32.50 -8.72
C ILE A 317 -24.25 33.28 -7.43
N ALA A 318 -25.10 34.31 -7.55
CA ALA A 318 -25.44 35.13 -6.40
C ALA A 318 -26.07 34.25 -5.33
N ALA A 319 -26.95 33.34 -5.74
CA ALA A 319 -27.62 32.44 -4.81
C ALA A 319 -26.62 31.50 -4.16
N THR A 320 -25.74 30.92 -4.97
CA THR A 320 -24.71 30.00 -4.47
C THR A 320 -23.89 30.67 -3.38
N MET A 321 -23.43 31.90 -3.65
CA MET A 321 -22.63 32.60 -2.69
C MET A 321 -23.43 32.92 -1.42
N GLU A 322 -24.69 33.30 -1.60
CA GLU A 322 -25.54 33.61 -0.46
C GLU A 322 -25.68 32.36 0.43
N ASN A 323 -26.00 31.22 -0.20
CA ASN A 323 -26.13 30.00 0.56
C ASN A 323 -24.80 29.61 1.19
N ALA A 324 -23.72 29.80 0.47
CA ALA A 324 -22.40 29.47 1.00
C ALA A 324 -22.05 30.31 2.25
N GLN A 325 -22.43 31.58 2.25
CA GLN A 325 -22.12 32.42 3.41
C GLN A 325 -22.99 32.10 4.61
N LYS A 326 -24.11 31.43 4.37
CA LYS A 326 -25.00 31.05 5.46
C LYS A 326 -24.71 29.62 5.89
N GLY A 327 -23.88 28.94 5.11
CA GLY A 327 -23.56 27.55 5.38
C GLY A 327 -22.48 27.24 6.40
N GLU A 328 -22.06 25.98 6.40
CA GLU A 328 -21.05 25.47 7.30
C GLU A 328 -19.89 25.00 6.44
N ILE A 329 -18.70 25.51 6.71
CA ILE A 329 -17.51 25.07 5.98
C ILE A 329 -17.32 23.59 6.31
N MET A 330 -17.10 22.75 5.30
CA MET A 330 -16.90 21.32 5.56
C MET A 330 -15.60 21.13 6.34
N PRO A 331 -15.65 20.41 7.47
CA PRO A 331 -14.42 20.22 8.23
C PRO A 331 -13.34 19.61 7.32
N ASN A 332 -12.12 20.12 7.44
CA ASN A 332 -11.02 19.65 6.59
C ASN A 332 -10.18 18.57 7.24
N ILE A 333 -10.83 17.64 7.95
CA ILE A 333 -10.15 16.56 8.64
C ILE A 333 -10.67 15.18 8.23
N PRO A 334 -9.78 14.18 8.19
CA PRO A 334 -10.17 12.81 7.81
C PRO A 334 -11.32 12.16 8.58
N GLN A 335 -11.55 12.58 9.82
CA GLN A 335 -12.62 11.98 10.62
C GLN A 335 -14.01 12.29 10.11
N MET A 336 -14.11 13.10 9.07
CA MET A 336 -15.42 13.40 8.51
C MET A 336 -15.97 12.12 7.86
N SER A 337 -15.07 11.18 7.53
CA SER A 337 -15.50 9.93 6.93
C SER A 337 -16.49 9.28 7.89
N ALA A 338 -16.15 9.31 9.17
CA ALA A 338 -17.03 8.74 10.18
C ALA A 338 -18.35 9.49 10.20
N PHE A 339 -18.28 10.83 10.13
CA PHE A 339 -19.49 11.66 10.14
C PHE A 339 -20.43 11.29 8.99
N TRP A 340 -19.88 11.21 7.77
CA TRP A 340 -20.68 10.88 6.61
C TRP A 340 -21.38 9.55 6.79
N TYR A 341 -20.62 8.53 7.17
CA TYR A 341 -21.18 7.21 7.35
C TYR A 341 -22.27 7.18 8.41
N ALA A 342 -22.00 7.76 9.57
CA ALA A 342 -22.99 7.77 10.66
C ALA A 342 -24.26 8.56 10.33
N VAL A 343 -24.10 9.80 9.90
CA VAL A 343 -25.26 10.62 9.58
C VAL A 343 -26.13 9.96 8.51
N ARG A 344 -25.49 9.36 7.51
CA ARG A 344 -26.24 8.70 6.45
C ARG A 344 -27.14 7.64 7.08
N THR A 345 -26.54 6.79 7.90
CA THR A 345 -27.29 5.74 8.59
C THR A 345 -28.42 6.32 9.42
N ALA A 346 -28.11 7.34 10.21
CA ALA A 346 -29.10 7.99 11.07
C ALA A 346 -30.33 8.44 10.29
N VAL A 347 -30.10 9.05 9.14
CA VAL A 347 -31.21 9.52 8.31
C VAL A 347 -31.96 8.33 7.72
N ILE A 348 -31.25 7.42 7.08
CA ILE A 348 -31.89 6.23 6.50
C ILE A 348 -32.80 5.56 7.51
N ASN A 349 -32.26 5.22 8.68
CA ASN A 349 -33.05 4.57 9.72
C ASN A 349 -34.19 5.43 10.25
N ALA A 350 -33.95 6.73 10.43
CA ALA A 350 -34.97 7.63 10.96
C ALA A 350 -36.15 7.85 10.00
N ALA A 351 -35.85 7.94 8.70
CA ALA A 351 -36.89 8.15 7.70
C ALA A 351 -37.86 6.98 7.64
N SER A 352 -37.33 5.77 7.54
CA SER A 352 -38.15 4.57 7.49
C SER A 352 -38.91 4.40 8.79
N GLY A 353 -38.17 4.20 9.87
CA GLY A 353 -38.78 4.02 11.17
C GLY A 353 -37.95 3.05 12.00
N ARG A 354 -36.94 2.47 11.35
CA ARG A 354 -36.03 1.53 11.99
C ARG A 354 -35.65 2.03 13.38
N GLN A 355 -35.53 3.35 13.52
CA GLN A 355 -35.18 3.99 14.78
C GLN A 355 -35.93 5.31 14.85
N THR A 356 -36.03 5.86 16.04
CA THR A 356 -36.69 7.16 16.21
C THR A 356 -35.59 8.17 15.92
N VAL A 357 -35.93 9.46 15.92
CA VAL A 357 -34.95 10.49 15.64
C VAL A 357 -33.88 10.52 16.73
N ASP A 358 -34.31 10.36 17.98
CA ASP A 358 -33.40 10.38 19.12
C ASP A 358 -32.39 9.23 19.10
N GLU A 359 -32.86 8.03 18.76
CA GLU A 359 -31.97 6.88 18.71
C GLU A 359 -31.03 7.02 17.52
N ALA A 360 -31.57 7.48 16.40
CA ALA A 360 -30.78 7.65 15.19
C ALA A 360 -29.61 8.62 15.35
N LEU A 361 -29.86 9.76 15.99
CA LEU A 361 -28.81 10.76 16.17
C LEU A 361 -28.03 10.62 17.48
N ALA A 362 -28.40 9.64 18.31
CA ALA A 362 -27.72 9.44 19.57
C ALA A 362 -26.32 8.90 19.30
N MET A 363 -25.33 9.46 20.01
CA MET A 363 -23.96 9.00 19.85
C MET A 363 -23.70 7.76 20.69
N ASP A 364 -24.00 6.59 20.15
CA ASP A 364 -23.79 5.34 20.85
C ASP A 364 -22.57 4.59 20.29
N GLY A 365 -22.51 3.29 20.55
CA GLY A 365 -21.40 2.48 20.08
C GLY A 365 -21.10 2.66 18.60
N HIS A 366 -22.13 2.62 17.76
CA HIS A 366 -21.96 2.78 16.32
C HIS A 366 -21.14 4.01 15.93
N TRP A 367 -21.51 5.16 16.47
CA TRP A 367 -20.79 6.39 16.17
C TRP A 367 -19.33 6.26 16.56
N PHE A 368 -19.09 5.91 17.82
CA PHE A 368 -17.73 5.78 18.30
C PHE A 368 -16.91 4.74 17.53
N LEU A 369 -17.51 3.62 17.16
CA LEU A 369 -16.77 2.63 16.38
C LEU A 369 -16.29 3.25 15.07
N LYS A 370 -17.15 4.03 14.43
CA LYS A 370 -16.78 4.68 13.17
C LYS A 370 -15.66 5.71 13.38
N LEU A 371 -15.74 6.45 14.48
CA LEU A 371 -14.74 7.44 14.79
C LEU A 371 -13.39 6.78 15.10
N LEU A 372 -13.43 5.68 15.84
CA LEU A 372 -12.22 4.97 16.19
C LEU A 372 -11.52 4.51 14.92
N GLN A 373 -12.30 3.96 13.99
CA GLN A 373 -11.76 3.49 12.71
C GLN A 373 -11.01 4.62 11.99
N ALA A 374 -11.66 5.78 11.95
CA ALA A 374 -11.11 6.97 11.32
C ALA A 374 -9.76 7.36 11.96
N GLU A 375 -9.68 7.27 13.29
CA GLU A 375 -8.43 7.61 13.96
C GLU A 375 -7.36 6.57 13.66
N ARG A 376 -7.75 5.31 13.61
CA ARG A 376 -6.81 4.25 13.31
C ARG A 376 -6.16 4.56 11.95
N ASP A 377 -7.00 4.85 10.96
CA ASP A 377 -6.52 5.17 9.61
C ASP A 377 -5.50 6.30 9.55
N ARG A 378 -5.77 7.44 10.18
CA ARG A 378 -4.80 8.54 10.11
C ARG A 378 -3.51 8.24 10.84
N MET A 379 -3.59 7.61 12.02
CA MET A 379 -2.40 7.31 12.79
C MET A 379 -1.52 6.27 12.11
N GLU A 380 -2.14 5.23 11.56
CA GLU A 380 -1.39 4.19 10.87
C GLU A 380 -0.70 4.84 9.68
N GLY A 381 -1.38 5.81 9.08
CA GLY A 381 -0.80 6.51 7.94
C GLY A 381 0.45 7.26 8.34
N TRP A 382 0.42 7.94 9.49
CA TRP A 382 1.58 8.69 9.97
C TRP A 382 2.77 7.77 10.24
N CYS A 383 2.48 6.63 10.90
CA CYS A 383 3.52 5.66 11.23
C CYS A 383 4.21 5.12 9.97
N LYS A 384 3.43 4.70 8.99
CA LYS A 384 3.99 4.17 7.76
C LYS A 384 4.91 5.23 7.14
N GLN A 385 4.44 6.46 7.18
CA GLN A 385 5.17 7.60 6.64
C GLN A 385 6.53 7.75 7.33
N MET A 386 6.51 7.80 8.66
CA MET A 386 7.74 7.97 9.44
C MET A 386 8.71 6.79 9.39
N GLU A 387 8.19 5.57 9.47
CA GLU A 387 9.08 4.42 9.44
C GLU A 387 9.69 4.28 8.05
N ARG A 388 8.99 4.81 7.05
CA ARG A 388 9.49 4.78 5.69
C ARG A 388 10.68 5.73 5.61
N GLU A 389 10.59 6.86 6.30
CA GLU A 389 11.70 7.83 6.28
C GLU A 389 12.91 7.25 7.00
N GLU A 390 12.69 6.62 8.15
CA GLU A 390 13.78 6.00 8.90
C GLU A 390 14.38 4.87 8.07
N ARG A 391 13.50 4.16 7.37
CA ARG A 391 13.89 3.02 6.55
C ARG A 391 14.68 3.47 5.32
N GLU A 392 14.29 4.60 4.74
CA GLU A 392 14.98 5.12 3.56
C GLU A 392 16.26 5.83 3.98
N ASN A 393 16.12 7.12 4.31
CA ASN A 393 17.26 7.93 4.74
C ASN A 393 18.07 7.32 5.87
N ASN A 394 19.10 8.05 6.30
CA ASN A 394 19.97 7.59 7.37
C ASN A 394 19.59 8.38 8.62
N LEU A 395 19.59 9.71 8.50
CA LEU A 395 19.24 10.64 9.58
C LEU A 395 19.42 10.04 10.98
N PRO A 396 20.58 9.42 11.24
CA PRO A 396 20.80 8.82 12.57
C PRO A 396 20.75 9.81 13.73
N GLU A 397 21.12 9.28 14.90
CA GLU A 397 21.18 10.05 16.13
C GLU A 397 19.87 10.45 16.78
N ASP A 398 19.67 11.74 16.97
CA ASP A 398 18.47 12.28 17.60
C ASP A 398 17.14 11.96 16.94
N ILE A 399 16.97 12.41 15.70
CA ILE A 399 15.73 12.21 14.97
C ILE A 399 15.17 10.78 15.04
N LEU A 400 16.05 9.77 14.96
CA LEU A 400 15.59 8.39 15.03
C LEU A 400 14.88 8.14 16.35
N GLY A 401 15.43 8.70 17.43
CA GLY A 401 14.83 8.54 18.73
C GLY A 401 13.43 9.14 18.74
N LYS A 402 13.31 10.33 18.17
CA LYS A 402 12.03 11.02 18.09
C LYS A 402 11.02 10.22 17.26
N ILE A 403 11.50 9.56 16.21
CA ILE A 403 10.60 8.78 15.38
C ILE A 403 10.14 7.53 16.10
N ARG A 404 11.09 6.72 16.56
CA ARG A 404 10.74 5.49 17.29
C ARG A 404 9.74 5.79 18.39
N THR A 405 9.98 6.86 19.12
CA THR A 405 9.09 7.22 20.22
C THR A 405 7.70 7.62 19.72
N ALA A 406 7.64 8.46 18.69
CA ALA A 406 6.37 8.90 18.14
C ALA A 406 5.59 7.70 17.62
N VAL A 407 6.24 6.88 16.81
CA VAL A 407 5.61 5.71 16.25
C VAL A 407 5.31 4.70 17.35
N GLY A 408 6.27 4.48 18.22
CA GLY A 408 6.08 3.54 19.31
C GLY A 408 4.86 3.85 20.16
N SER A 409 4.68 5.11 20.54
CA SER A 409 3.53 5.47 21.37
C SER A 409 2.21 5.29 20.62
N ALA A 410 2.20 5.61 19.33
CA ALA A 410 1.00 5.47 18.53
C ALA A 410 0.58 4.00 18.33
N GLN A 411 1.53 3.14 18.02
CA GLN A 411 1.20 1.73 17.80
C GLN A 411 0.74 1.07 19.10
N LEU A 412 1.39 1.41 20.20
CA LEU A 412 0.98 0.81 21.47
C LEU A 412 -0.44 1.27 21.79
N LEU A 413 -0.70 2.57 21.66
CA LEU A 413 -2.02 3.10 21.94
C LEU A 413 -3.08 2.35 21.13
N MET A 414 -2.76 2.08 19.87
CA MET A 414 -3.70 1.40 19.02
C MET A 414 -3.85 -0.09 19.36
N ALA A 415 -2.72 -0.74 19.61
CA ALA A 415 -2.73 -2.17 19.92
C ALA A 415 -3.35 -2.45 21.29
N GLN A 416 -3.29 -1.46 22.17
CA GLN A 416 -3.80 -1.60 23.53
C GLN A 416 -5.15 -0.93 23.76
N LYS A 417 -5.14 0.39 23.90
CA LYS A 417 -6.37 1.16 24.15
C LYS A 417 -7.43 1.13 23.04
N PHE A 418 -7.00 1.25 21.79
CA PHE A 418 -7.98 1.20 20.70
C PHE A 418 -8.70 -0.14 20.79
N TYR A 419 -7.94 -1.20 21.07
CA TYR A 419 -8.52 -2.54 21.16
C TYR A 419 -9.58 -2.60 22.24
N GLN A 420 -9.27 -2.03 23.41
CA GLN A 420 -10.21 -2.02 24.53
C GLN A 420 -11.45 -1.19 24.21
N PHE A 421 -11.23 0.01 23.67
CA PHE A 421 -12.35 0.88 23.35
C PHE A 421 -13.31 0.19 22.38
N ARG A 422 -12.77 -0.45 21.36
CA ARG A 422 -13.61 -1.14 20.38
C ARG A 422 -14.53 -2.15 21.04
N GLU A 423 -14.00 -2.89 22.00
CA GLU A 423 -14.83 -3.88 22.69
C GLU A 423 -15.86 -3.22 23.58
N LEU A 424 -15.50 -2.11 24.21
CA LEU A 424 -16.44 -1.39 25.07
C LEU A 424 -17.63 -0.94 24.23
N CYS A 425 -17.35 -0.44 23.03
CA CYS A 425 -18.39 0.03 22.13
C CYS A 425 -19.36 -1.08 21.75
N GLU A 426 -18.81 -2.23 21.36
CA GLU A 426 -19.66 -3.35 20.98
C GLU A 426 -20.50 -3.80 22.16
N GLU A 427 -19.96 -3.66 23.36
CA GLU A 427 -20.71 -4.04 24.55
C GLU A 427 -21.85 -3.06 24.74
N ASN A 428 -21.55 -1.77 24.59
CA ASN A 428 -22.57 -0.74 24.72
C ASN A 428 -23.75 -1.12 23.83
N LEU A 429 -23.45 -1.69 22.68
CA LEU A 429 -24.47 -2.08 21.72
C LEU A 429 -25.26 -3.34 22.11
N ASN A 430 -24.82 -4.02 23.17
CA ASN A 430 -25.52 -5.23 23.61
C ASN A 430 -26.40 -4.90 24.81
N PRO A 431 -27.73 -4.97 24.63
CA PRO A 431 -28.69 -4.67 25.70
C PRO A 431 -28.44 -5.42 27.01
N ASN A 432 -27.93 -6.64 26.90
CA ASN A 432 -27.64 -7.41 28.10
C ASN A 432 -26.26 -7.02 28.65
N ALA A 433 -26.30 -6.20 29.71
CA ALA A 433 -25.12 -5.65 30.40
C ALA A 433 -23.86 -6.53 30.47
N HIS A 434 -22.95 -6.18 31.37
CA HIS A 434 -21.71 -6.95 31.51
C HIS A 434 -20.67 -6.52 32.55
N PRO A 435 -20.78 -5.31 33.13
CA PRO A 435 -21.77 -4.23 32.97
C PRO A 435 -21.84 -3.64 31.57
N ARG A 436 -22.95 -2.97 31.30
CA ARG A 436 -23.19 -2.34 30.01
C ARG A 436 -22.61 -0.93 29.96
N PRO A 437 -21.58 -0.72 29.13
CA PRO A 437 -21.00 0.63 29.04
C PRO A 437 -22.07 1.62 28.56
N THR A 438 -22.13 2.78 29.21
CA THR A 438 -23.12 3.80 28.84
C THR A 438 -22.58 4.69 27.72
N SER A 439 -23.47 5.32 26.98
CA SER A 439 -23.04 6.22 25.91
C SER A 439 -22.14 7.27 26.55
N GLN A 440 -22.54 7.73 27.72
CA GLN A 440 -21.75 8.71 28.46
C GLN A 440 -20.41 8.10 28.84
N ASP A 441 -20.41 6.81 29.20
CA ASP A 441 -19.16 6.14 29.55
C ASP A 441 -18.24 6.13 28.33
N LEU A 442 -18.81 5.82 27.16
CA LEU A 442 -18.04 5.80 25.92
C LEU A 442 -17.47 7.20 25.71
N ALA A 443 -18.35 8.19 25.81
CA ALA A 443 -17.96 9.59 25.63
C ALA A 443 -16.74 9.91 26.50
N GLY A 444 -16.80 9.49 27.75
CA GLY A 444 -15.71 9.75 28.67
C GLY A 444 -14.43 9.06 28.23
N PHE A 445 -14.53 7.78 27.87
CA PHE A 445 -13.34 7.07 27.41
C PHE A 445 -12.82 7.75 26.15
N TRP A 446 -13.72 8.07 25.23
CA TRP A 446 -13.32 8.72 23.97
C TRP A 446 -12.60 10.04 24.22
N ASP A 447 -13.16 10.86 25.11
CA ASP A 447 -12.53 12.14 25.38
C ASP A 447 -11.14 11.95 25.97
N MET A 448 -10.93 10.82 26.64
CA MET A 448 -9.65 10.50 27.24
C MET A 448 -8.69 10.04 26.15
N LEU A 449 -9.21 9.17 25.27
CA LEU A 449 -8.42 8.64 24.16
C LEU A 449 -7.94 9.77 23.25
N GLN A 450 -8.79 10.78 23.04
CA GLN A 450 -8.45 11.92 22.19
C GLN A 450 -7.30 12.74 22.77
N LEU A 451 -7.16 12.75 24.09
CA LEU A 451 -6.10 13.49 24.74
C LEU A 451 -4.77 12.85 24.35
N SER A 452 -4.76 11.52 24.33
CA SER A 452 -3.58 10.75 23.98
C SER A 452 -3.27 10.92 22.50
N ILE A 453 -4.30 10.87 21.67
CA ILE A 453 -4.14 11.03 20.24
C ILE A 453 -3.52 12.39 19.93
N GLU A 454 -4.01 13.44 20.60
CA GLU A 454 -3.47 14.77 20.39
C GLU A 454 -1.97 14.86 20.74
N ASN A 455 -1.56 14.30 21.86
CA ASN A 455 -0.14 14.35 22.23
C ASN A 455 0.72 13.72 21.14
N ILE A 456 0.33 12.52 20.70
CA ILE A 456 1.07 11.81 19.68
C ILE A 456 1.06 12.68 18.44
N SER A 457 -0.10 13.24 18.13
CA SER A 457 -0.25 14.12 16.97
C SER A 457 0.80 15.23 17.00
N MET A 458 1.06 15.76 18.20
CA MET A 458 2.03 16.83 18.37
C MET A 458 3.45 16.38 18.07
N LYS A 459 3.82 15.19 18.53
CA LYS A 459 5.16 14.67 18.29
C LYS A 459 5.39 14.51 16.79
N PHE A 460 4.37 14.05 16.07
CA PHE A 460 4.50 13.90 14.63
C PHE A 460 4.64 15.28 13.96
N ASP A 461 3.97 16.29 14.50
CA ASP A 461 4.09 17.63 13.94
C ASP A 461 5.52 18.08 14.19
N GLU A 462 6.00 17.80 15.40
CA GLU A 462 7.35 18.13 15.81
C GLU A 462 8.32 17.52 14.81
N LEU A 463 8.05 16.30 14.38
CA LEU A 463 8.91 15.61 13.42
C LEU A 463 8.83 16.26 12.04
N HIS A 464 7.60 16.50 11.57
CA HIS A 464 7.40 17.11 10.27
C HIS A 464 8.05 18.48 10.17
N GLN A 465 8.01 19.22 11.27
CA GLN A 465 8.59 20.55 11.30
C GLN A 465 10.09 20.48 11.02
N LEU A 466 10.53 19.30 10.59
CA LEU A 466 11.93 19.06 10.27
C LEU A 466 11.95 18.29 8.94
N LYS A 467 11.34 17.11 8.97
CA LYS A 467 11.23 16.18 7.84
C LYS A 467 11.96 14.88 8.20
N ALA A 468 13.22 14.78 7.77
CA ALA A 468 14.04 13.61 8.06
C ALA A 468 15.35 14.13 8.62
N ASN A 469 15.27 15.29 9.26
CA ASN A 469 16.44 15.94 9.86
C ASN A 469 16.86 15.20 11.12
N LYS B 1 -13.37 -12.02 -9.74
CA LYS B 1 -12.97 -13.38 -9.25
C LYS B 1 -12.58 -14.29 -10.41
N ILE B 2 -11.85 -15.35 -10.08
CA ILE B 2 -11.37 -16.30 -11.07
C ILE B 2 -12.50 -17.01 -11.82
N GLU B 3 -12.42 -17.03 -13.15
CA GLU B 3 -13.43 -17.68 -13.98
C GLU B 3 -13.34 -19.19 -13.89
N GLU B 4 -14.47 -19.84 -13.71
CA GLU B 4 -14.51 -21.29 -13.64
C GLU B 4 -14.59 -21.80 -15.08
N GLY B 5 -13.92 -22.92 -15.36
CA GLY B 5 -13.95 -23.47 -16.71
C GLY B 5 -12.78 -23.11 -17.61
N LYS B 6 -11.80 -22.40 -17.07
CA LYS B 6 -10.62 -22.04 -17.86
C LYS B 6 -9.41 -21.95 -16.95
N LEU B 7 -8.25 -21.71 -17.55
CA LEU B 7 -7.03 -21.60 -16.77
C LEU B 7 -6.26 -20.34 -17.15
N VAL B 8 -5.87 -19.57 -16.15
CA VAL B 8 -5.08 -18.38 -16.38
C VAL B 8 -3.75 -18.67 -15.68
N ILE B 9 -2.67 -18.61 -16.45
CA ILE B 9 -1.35 -18.89 -15.92
C ILE B 9 -0.41 -17.69 -15.97
N TRP B 10 0.31 -17.48 -14.88
CA TRP B 10 1.28 -16.41 -14.80
C TRP B 10 2.67 -17.01 -14.76
N ILE B 11 3.56 -16.50 -15.61
CA ILE B 11 4.94 -16.96 -15.64
C ILE B 11 5.77 -15.73 -15.98
N ASN B 12 7.08 -15.79 -15.75
CA ASN B 12 7.93 -14.64 -16.02
C ASN B 12 8.27 -14.47 -17.50
N GLY B 13 8.32 -13.21 -17.93
CA GLY B 13 8.62 -12.88 -19.31
C GLY B 13 9.95 -13.38 -19.82
N ASP B 14 10.86 -13.76 -18.92
CA ASP B 14 12.14 -14.27 -19.39
C ASP B 14 12.06 -15.78 -19.55
N LYS B 15 10.88 -16.35 -19.33
CA LYS B 15 10.67 -17.79 -19.48
C LYS B 15 10.07 -18.08 -20.85
N GLY B 16 9.99 -19.37 -21.20
CA GLY B 16 9.42 -19.75 -22.49
C GLY B 16 7.90 -19.77 -22.48
N TYR B 17 7.29 -18.61 -22.28
CA TYR B 17 5.84 -18.51 -22.22
C TYR B 17 5.13 -18.90 -23.52
N ASN B 18 5.82 -18.78 -24.67
CA ASN B 18 5.22 -19.14 -25.94
C ASN B 18 5.17 -20.66 -26.06
N GLY B 19 6.21 -21.31 -25.53
CA GLY B 19 6.21 -22.76 -25.56
C GLY B 19 5.11 -23.26 -24.64
N LEU B 20 4.93 -22.58 -23.51
CA LEU B 20 3.89 -22.95 -22.55
C LEU B 20 2.52 -22.79 -23.18
N ALA B 21 2.37 -21.74 -23.99
CA ALA B 21 1.11 -21.49 -24.68
C ALA B 21 0.83 -22.65 -25.60
N GLU B 22 1.89 -23.23 -26.17
CA GLU B 22 1.75 -24.37 -27.06
C GLU B 22 1.16 -25.54 -26.27
N VAL B 23 1.67 -25.76 -25.07
CA VAL B 23 1.16 -26.83 -24.23
C VAL B 23 -0.31 -26.51 -23.95
N GLY B 24 -0.61 -25.22 -23.78
CA GLY B 24 -1.98 -24.82 -23.53
C GLY B 24 -2.89 -25.20 -24.70
N LYS B 25 -2.40 -25.03 -25.92
CA LYS B 25 -3.20 -25.36 -27.10
C LYS B 25 -3.57 -26.84 -27.07
N LYS B 26 -2.58 -27.70 -26.87
CA LYS B 26 -2.83 -29.13 -26.82
C LYS B 26 -3.87 -29.46 -25.75
N PHE B 27 -3.81 -28.77 -24.61
CA PHE B 27 -4.75 -29.01 -23.53
C PHE B 27 -6.14 -28.66 -24.02
N GLU B 28 -6.24 -27.55 -24.75
CA GLU B 28 -7.51 -27.10 -25.28
C GLU B 28 -8.01 -28.08 -26.34
N LYS B 29 -7.09 -28.59 -27.16
CA LYS B 29 -7.44 -29.52 -28.22
C LYS B 29 -8.09 -30.78 -27.65
N ASP B 30 -7.60 -31.23 -26.49
CA ASP B 30 -8.12 -32.43 -25.84
C ASP B 30 -9.29 -32.19 -24.89
N THR B 31 -9.31 -31.04 -24.22
CA THR B 31 -10.36 -30.77 -23.24
C THR B 31 -11.38 -29.70 -23.61
N GLY B 32 -11.05 -28.89 -24.61
CA GLY B 32 -11.95 -27.82 -24.99
C GLY B 32 -11.83 -26.69 -23.98
N ILE B 33 -10.89 -26.83 -23.05
CA ILE B 33 -10.66 -25.82 -22.02
C ILE B 33 -9.59 -24.82 -22.45
N LYS B 34 -9.92 -23.53 -22.38
CA LYS B 34 -8.98 -22.49 -22.79
C LYS B 34 -7.95 -22.10 -21.76
N VAL B 35 -6.69 -22.04 -22.20
CA VAL B 35 -5.59 -21.66 -21.34
C VAL B 35 -5.00 -20.31 -21.78
N THR B 36 -4.93 -19.35 -20.87
CA THR B 36 -4.35 -18.05 -21.18
C THR B 36 -3.03 -17.92 -20.43
N VAL B 37 -1.97 -17.64 -21.17
CA VAL B 37 -0.66 -17.46 -20.56
C VAL B 37 -0.31 -15.99 -20.54
N GLU B 38 0.02 -15.49 -19.36
CA GLU B 38 0.38 -14.09 -19.15
C GLU B 38 1.74 -13.99 -18.46
N HIS B 39 2.49 -12.95 -18.80
CA HIS B 39 3.81 -12.71 -18.20
C HIS B 39 3.95 -11.26 -17.77
N PRO B 40 3.08 -10.81 -16.84
CA PRO B 40 3.11 -9.43 -16.35
C PRO B 40 4.39 -9.10 -15.57
N ASP B 41 4.64 -7.81 -15.42
CA ASP B 41 5.82 -7.34 -14.72
C ASP B 41 5.57 -7.39 -13.21
N LYS B 42 6.60 -7.73 -12.43
CA LYS B 42 6.45 -7.81 -10.98
C LYS B 42 5.34 -8.76 -10.55
N LEU B 43 5.15 -9.86 -11.28
CA LEU B 43 4.10 -10.82 -10.93
C LEU B 43 4.28 -11.38 -9.52
N GLU B 44 5.53 -11.52 -9.08
CA GLU B 44 5.79 -12.06 -7.73
C GLU B 44 5.24 -11.16 -6.63
N GLU B 45 5.12 -9.88 -6.90
CA GLU B 45 4.57 -8.95 -5.90
C GLU B 45 3.09 -8.75 -6.16
N LYS B 46 2.71 -8.75 -7.44
CA LYS B 46 1.31 -8.60 -7.82
C LYS B 46 0.49 -9.78 -7.30
N PHE B 47 1.01 -10.99 -7.51
CA PHE B 47 0.31 -12.19 -7.09
C PHE B 47 -0.26 -12.13 -5.68
N PRO B 48 0.60 -11.85 -4.68
CA PRO B 48 0.08 -11.80 -3.31
C PRO B 48 -1.01 -10.74 -3.11
N GLN B 49 -1.06 -9.75 -4.00
CA GLN B 49 -2.07 -8.71 -3.89
C GLN B 49 -3.42 -9.16 -4.43
N VAL B 50 -3.43 -9.66 -5.66
CA VAL B 50 -4.67 -10.11 -6.25
C VAL B 50 -5.16 -11.41 -5.61
N ALA B 51 -4.24 -12.34 -5.39
CA ALA B 51 -4.59 -13.63 -4.79
C ALA B 51 -5.23 -13.49 -3.41
N ALA B 52 -4.74 -12.56 -2.62
CA ALA B 52 -5.26 -12.34 -1.26
C ALA B 52 -6.74 -11.95 -1.27
N THR B 53 -7.20 -11.38 -2.38
CA THR B 53 -8.59 -10.97 -2.51
C THR B 53 -9.37 -11.98 -3.35
N GLY B 54 -8.82 -13.18 -3.47
CA GLY B 54 -9.49 -14.22 -4.25
C GLY B 54 -9.44 -13.99 -5.74
N ASP B 55 -8.41 -13.29 -6.21
CA ASP B 55 -8.25 -13.02 -7.63
C ASP B 55 -6.89 -13.49 -8.11
N GLY B 56 -6.59 -13.22 -9.38
CA GLY B 56 -5.31 -13.63 -9.92
C GLY B 56 -5.42 -14.90 -10.75
N PRO B 57 -4.27 -15.42 -11.21
CA PRO B 57 -4.23 -16.63 -12.04
C PRO B 57 -4.54 -17.89 -11.25
N ASP B 58 -4.85 -18.95 -11.97
CA ASP B 58 -5.12 -20.24 -11.35
C ASP B 58 -3.74 -20.82 -10.99
N ILE B 59 -2.77 -20.61 -11.87
CA ILE B 59 -1.42 -21.14 -11.70
C ILE B 59 -0.33 -20.08 -11.77
N ILE B 60 0.58 -20.13 -10.81
CA ILE B 60 1.69 -19.18 -10.77
C ILE B 60 3.03 -19.89 -10.86
N PHE B 61 3.84 -19.52 -11.85
CA PHE B 61 5.19 -20.09 -12.03
C PHE B 61 6.19 -19.08 -11.46
N TRP B 62 7.06 -19.55 -10.57
CA TRP B 62 8.07 -18.68 -9.98
C TRP B 62 9.07 -19.50 -9.16
N ALA B 63 10.18 -18.86 -8.80
CA ALA B 63 11.20 -19.53 -8.00
C ALA B 63 10.52 -20.01 -6.72
N HIS B 64 10.87 -21.21 -6.30
CA HIS B 64 10.27 -21.82 -5.12
C HIS B 64 10.42 -21.02 -3.83
N ASP B 65 11.55 -20.33 -3.66
CA ASP B 65 11.79 -19.61 -2.43
C ASP B 65 10.68 -18.67 -2.01
N ARG B 66 9.94 -18.14 -2.97
CA ARG B 66 8.85 -17.21 -2.70
C ARG B 66 7.54 -17.88 -2.22
N PHE B 67 7.37 -19.15 -2.55
CA PHE B 67 6.15 -19.88 -2.19
C PHE B 67 5.90 -20.18 -0.73
N GLY B 68 6.95 -20.22 0.08
CA GLY B 68 6.75 -20.47 1.49
C GLY B 68 5.97 -19.30 2.08
N GLY B 69 6.30 -18.10 1.65
CA GLY B 69 5.60 -16.92 2.13
C GLY B 69 4.14 -16.95 1.70
N TYR B 70 3.91 -17.27 0.42
CA TYR B 70 2.56 -17.33 -0.12
C TYR B 70 1.72 -18.35 0.63
N ALA B 71 2.32 -19.49 0.94
CA ALA B 71 1.61 -20.56 1.65
C ALA B 71 1.23 -20.09 3.05
N GLN B 72 2.17 -19.42 3.70
CA GLN B 72 1.96 -18.90 5.05
C GLN B 72 0.81 -17.90 5.05
N SER B 73 0.59 -17.24 3.90
CA SER B 73 -0.48 -16.28 3.75
C SER B 73 -1.73 -16.96 3.20
N GLY B 74 -1.68 -18.30 3.15
CA GLY B 74 -2.81 -19.07 2.64
C GLY B 74 -3.19 -18.76 1.20
N LEU B 75 -2.22 -18.42 0.36
CA LEU B 75 -2.51 -18.10 -1.02
C LEU B 75 -2.31 -19.28 -1.99
N LEU B 76 -1.77 -20.38 -1.47
CA LEU B 76 -1.51 -21.56 -2.31
C LEU B 76 -2.20 -22.81 -1.84
N ALA B 77 -2.82 -23.53 -2.75
CA ALA B 77 -3.50 -24.75 -2.39
C ALA B 77 -2.47 -25.87 -2.24
N GLU B 78 -2.80 -26.87 -1.43
CA GLU B 78 -1.91 -28.01 -1.27
C GLU B 78 -2.13 -28.89 -2.49
N ILE B 79 -1.07 -29.27 -3.17
CA ILE B 79 -1.23 -30.10 -4.35
C ILE B 79 -1.28 -31.56 -3.91
N THR B 80 -1.92 -32.39 -4.74
CA THR B 80 -2.10 -33.81 -4.40
C THR B 80 -1.61 -34.84 -5.42
N PRO B 81 -0.34 -34.76 -5.84
CA PRO B 81 0.14 -35.74 -6.82
C PRO B 81 0.30 -37.12 -6.15
N ASP B 82 -0.10 -38.18 -6.83
CA ASP B 82 0.05 -39.52 -6.25
C ASP B 82 1.52 -39.91 -6.19
N LYS B 83 1.82 -41.00 -5.47
CA LYS B 83 3.20 -41.45 -5.32
C LYS B 83 3.90 -41.80 -6.62
N ALA B 84 3.16 -42.32 -7.60
CA ALA B 84 3.74 -42.68 -8.87
C ALA B 84 4.20 -41.42 -9.61
N PHE B 85 3.39 -40.38 -9.58
CA PHE B 85 3.78 -39.14 -10.24
C PHE B 85 5.01 -38.55 -9.57
N GLN B 86 5.01 -38.54 -8.24
CA GLN B 86 6.13 -38.00 -7.48
C GLN B 86 7.43 -38.69 -7.85
N ASP B 87 7.36 -39.98 -8.13
CA ASP B 87 8.54 -40.77 -8.52
C ASP B 87 9.15 -40.32 -9.83
N LYS B 88 8.41 -39.54 -10.62
CA LYS B 88 8.94 -39.08 -11.90
C LYS B 88 9.88 -37.87 -11.78
N LEU B 89 9.91 -37.22 -10.62
CA LEU B 89 10.77 -36.07 -10.42
C LEU B 89 11.85 -36.37 -9.39
N TYR B 90 12.99 -35.70 -9.52
CA TYR B 90 14.09 -35.89 -8.58
C TYR B 90 13.58 -35.54 -7.19
N PRO B 91 13.76 -36.46 -6.22
CA PRO B 91 13.33 -36.29 -4.83
C PRO B 91 13.74 -34.97 -4.17
N PHE B 92 14.98 -34.54 -4.40
CA PHE B 92 15.43 -33.31 -3.78
C PHE B 92 14.61 -32.10 -4.22
N THR B 93 14.02 -32.14 -5.40
CA THR B 93 13.22 -31.01 -5.86
C THR B 93 11.88 -30.97 -5.11
N TRP B 94 11.36 -32.13 -4.73
CA TRP B 94 10.10 -32.15 -3.97
C TRP B 94 10.31 -31.47 -2.61
N ASP B 95 11.53 -31.54 -2.08
CA ASP B 95 11.81 -30.92 -0.79
C ASP B 95 11.81 -29.40 -0.86
N ALA B 96 11.93 -28.86 -2.08
CA ALA B 96 11.94 -27.41 -2.27
C ALA B 96 10.52 -26.83 -2.29
N VAL B 97 9.52 -27.68 -2.47
CA VAL B 97 8.16 -27.18 -2.51
C VAL B 97 7.28 -27.66 -1.38
N ARG B 98 7.90 -27.94 -0.24
CA ARG B 98 7.17 -28.37 0.95
C ARG B 98 7.10 -27.22 1.93
N TYR B 99 5.98 -27.13 2.63
CA TYR B 99 5.80 -26.11 3.65
C TYR B 99 4.95 -26.75 4.74
N ASN B 100 5.49 -26.81 5.95
CA ASN B 100 4.78 -27.41 7.07
C ASN B 100 4.29 -28.80 6.71
N GLY B 101 5.18 -29.59 6.13
CA GLY B 101 4.86 -30.95 5.75
C GLY B 101 3.91 -31.11 4.58
N LYS B 102 3.51 -30.01 3.94
CA LYS B 102 2.60 -30.11 2.80
C LYS B 102 3.22 -29.63 1.50
N LEU B 103 2.95 -30.35 0.41
CA LEU B 103 3.45 -29.98 -0.90
C LEU B 103 2.60 -28.80 -1.37
N ILE B 104 3.25 -27.69 -1.73
CA ILE B 104 2.53 -26.50 -2.19
C ILE B 104 2.78 -26.08 -3.63
N ALA B 105 3.50 -26.91 -4.39
CA ALA B 105 3.77 -26.57 -5.79
C ALA B 105 4.43 -27.75 -6.51
N TYR B 106 4.42 -27.68 -7.84
CA TYR B 106 5.06 -28.69 -8.65
C TYR B 106 6.41 -28.16 -9.09
N PRO B 107 7.49 -28.95 -8.90
CA PRO B 107 8.83 -28.51 -9.30
C PRO B 107 8.90 -28.57 -10.83
N ILE B 108 9.53 -27.58 -11.45
CA ILE B 108 9.63 -27.60 -12.90
C ILE B 108 11.09 -27.67 -13.34
N ALA B 109 11.87 -26.70 -12.91
CA ALA B 109 13.27 -26.63 -13.28
C ALA B 109 14.20 -26.33 -12.12
N VAL B 110 15.48 -26.61 -12.34
CA VAL B 110 16.50 -26.44 -11.31
C VAL B 110 17.66 -25.58 -11.79
N GLU B 111 18.07 -24.66 -10.94
CA GLU B 111 19.15 -23.76 -11.29
C GLU B 111 20.16 -23.54 -10.16
N ALA B 112 21.44 -23.52 -10.52
CA ALA B 112 22.51 -23.31 -9.58
C ALA B 112 23.76 -22.86 -10.31
N LEU B 113 24.67 -22.22 -9.56
CA LEU B 113 25.94 -21.77 -10.11
C LEU B 113 26.83 -22.96 -10.45
N SER B 114 27.73 -22.76 -11.39
CA SER B 114 28.70 -23.77 -11.78
C SER B 114 30.03 -23.04 -11.99
N LEU B 115 31.07 -23.82 -12.20
CA LEU B 115 32.40 -23.30 -12.46
C LEU B 115 32.49 -23.25 -13.97
N ILE B 116 32.68 -22.07 -14.53
CA ILE B 116 32.82 -21.92 -15.98
C ILE B 116 34.30 -21.68 -16.27
N TYR B 117 34.87 -22.41 -17.21
CA TYR B 117 36.30 -22.25 -17.50
C TYR B 117 36.64 -22.15 -18.98
N ASN B 118 37.75 -21.47 -19.26
CA ASN B 118 38.23 -21.25 -20.62
C ASN B 118 39.14 -22.40 -21.01
N LYS B 119 38.63 -23.32 -21.83
CA LYS B 119 39.39 -24.47 -22.27
C LYS B 119 40.73 -24.16 -22.91
N ASP B 120 40.87 -22.97 -23.48
CA ASP B 120 42.14 -22.61 -24.12
C ASP B 120 43.19 -22.23 -23.07
N LEU B 121 42.77 -21.52 -22.03
CA LEU B 121 43.68 -21.12 -20.96
C LEU B 121 43.90 -22.24 -19.95
N LEU B 122 42.87 -23.05 -19.76
CA LEU B 122 42.92 -24.13 -18.78
C LEU B 122 42.15 -25.34 -19.31
N PRO B 123 42.83 -26.23 -20.02
CA PRO B 123 42.17 -27.42 -20.57
C PRO B 123 41.65 -28.40 -19.51
N ASN B 124 42.25 -28.38 -18.33
CA ASN B 124 41.82 -29.27 -17.24
C ASN B 124 41.66 -28.43 -15.97
N PRO B 125 40.44 -27.95 -15.71
CA PRO B 125 40.15 -27.12 -14.53
C PRO B 125 40.43 -27.80 -13.20
N PRO B 126 40.73 -27.01 -12.17
CA PRO B 126 41.03 -27.51 -10.82
C PRO B 126 39.80 -28.11 -10.13
N LYS B 127 40.01 -29.18 -9.36
CA LYS B 127 38.93 -29.84 -8.65
C LYS B 127 38.77 -29.33 -7.21
N THR B 128 39.81 -28.69 -6.69
CA THR B 128 39.76 -28.16 -5.33
C THR B 128 39.99 -26.66 -5.28
N TRP B 129 39.48 -26.01 -4.25
CA TRP B 129 39.69 -24.57 -4.12
C TRP B 129 41.15 -24.35 -3.73
N GLU B 130 41.69 -25.29 -2.96
CA GLU B 130 43.06 -25.20 -2.48
C GLU B 130 44.14 -25.09 -3.53
N GLU B 131 43.91 -25.61 -4.72
CA GLU B 131 44.94 -25.52 -5.73
C GLU B 131 44.84 -24.24 -6.58
N ILE B 132 43.87 -23.39 -6.29
CA ILE B 132 43.73 -22.17 -7.08
C ILE B 132 44.85 -21.12 -6.84
N PRO B 133 45.33 -20.96 -5.61
CA PRO B 133 46.39 -19.97 -5.39
C PRO B 133 47.67 -20.24 -6.22
N ALA B 134 48.11 -21.49 -6.27
CA ALA B 134 49.31 -21.84 -7.02
C ALA B 134 49.03 -21.77 -8.52
N LEU B 135 47.82 -22.14 -8.90
CA LEU B 135 47.42 -22.10 -10.29
C LEU B 135 47.44 -20.64 -10.75
N ASP B 136 46.97 -19.75 -9.88
CA ASP B 136 46.93 -18.32 -10.17
C ASP B 136 48.33 -17.77 -10.41
N LYS B 137 49.27 -18.17 -9.57
CA LYS B 137 50.65 -17.69 -9.73
C LYS B 137 51.18 -18.06 -11.11
N GLU B 138 50.92 -19.30 -11.53
CA GLU B 138 51.38 -19.80 -12.82
C GLU B 138 50.72 -19.05 -13.98
N LEU B 139 49.44 -18.75 -13.85
CA LEU B 139 48.71 -18.05 -14.90
C LEU B 139 49.04 -16.56 -14.91
N LYS B 140 49.34 -16.00 -13.74
CA LYS B 140 49.70 -14.58 -13.64
C LYS B 140 51.02 -14.36 -14.37
N ALA B 141 51.90 -15.34 -14.26
CA ALA B 141 53.22 -15.28 -14.89
C ALA B 141 53.07 -15.25 -16.40
N LYS B 142 51.91 -15.70 -16.87
CA LYS B 142 51.60 -15.76 -18.28
C LYS B 142 50.71 -14.61 -18.72
N GLY B 143 50.53 -13.63 -17.83
CA GLY B 143 49.71 -12.48 -18.16
C GLY B 143 48.21 -12.70 -18.04
N LYS B 144 47.82 -13.77 -17.37
CA LYS B 144 46.41 -14.07 -17.20
C LYS B 144 46.08 -14.19 -15.73
N SER B 145 44.82 -14.52 -15.46
CA SER B 145 44.33 -14.68 -14.10
C SER B 145 43.69 -16.06 -14.02
N ALA B 146 43.62 -16.63 -12.82
CA ALA B 146 43.04 -17.94 -12.66
C ALA B 146 41.53 -17.86 -12.50
N LEU B 147 41.09 -17.05 -11.55
CA LEU B 147 39.67 -16.95 -11.24
C LEU B 147 39.17 -15.57 -10.88
N MET B 148 38.00 -15.24 -11.42
CA MET B 148 37.35 -13.97 -11.13
C MET B 148 35.84 -14.15 -11.16
N PHE B 149 35.19 -13.82 -10.05
CA PHE B 149 33.74 -13.91 -9.97
C PHE B 149 33.22 -12.80 -9.06
N ASN B 150 31.91 -12.61 -9.07
CA ASN B 150 31.29 -11.57 -8.28
C ASN B 150 31.43 -11.77 -6.77
N LEU B 151 32.23 -10.93 -6.13
CA LEU B 151 32.45 -11.01 -4.68
C LEU B 151 31.56 -10.07 -3.88
N GLN B 152 30.81 -9.21 -4.57
CA GLN B 152 29.95 -8.25 -3.91
C GLN B 152 28.63 -8.82 -3.42
N GLU B 153 28.23 -9.96 -3.99
CA GLU B 153 26.96 -10.57 -3.63
C GLU B 153 27.15 -11.93 -2.97
N PRO B 154 26.51 -12.13 -1.79
CA PRO B 154 26.56 -13.36 -1.00
C PRO B 154 26.17 -14.61 -1.78
N TYR B 155 25.31 -14.43 -2.78
CA TYR B 155 24.85 -15.54 -3.61
C TYR B 155 26.03 -16.22 -4.30
N PHE B 156 27.01 -15.44 -4.73
CA PHE B 156 28.17 -15.99 -5.43
C PHE B 156 29.30 -16.50 -4.55
N THR B 157 29.41 -15.98 -3.34
CA THR B 157 30.48 -16.39 -2.44
C THR B 157 30.04 -17.48 -1.46
N TRP B 158 28.73 -17.64 -1.34
CA TRP B 158 28.18 -18.64 -0.43
C TRP B 158 28.65 -20.07 -0.69
N PRO B 159 28.72 -20.50 -1.96
CA PRO B 159 29.16 -21.88 -2.23
C PRO B 159 30.43 -22.27 -1.46
N LEU B 160 31.39 -21.36 -1.39
CA LEU B 160 32.66 -21.60 -0.71
C LEU B 160 32.48 -21.53 0.81
N ILE B 161 31.91 -20.42 1.27
CA ILE B 161 31.65 -20.21 2.69
C ILE B 161 30.91 -21.38 3.33
N ALA B 162 29.88 -21.88 2.67
CA ALA B 162 29.09 -22.98 3.20
C ALA B 162 29.67 -24.38 3.00
N ALA B 163 30.64 -24.50 2.11
CA ALA B 163 31.24 -25.80 1.80
C ALA B 163 31.63 -26.65 3.00
N ASP B 164 32.32 -26.08 3.98
CA ASP B 164 32.76 -26.86 5.13
C ASP B 164 31.84 -26.83 6.36
N GLY B 165 30.62 -26.34 6.23
CA GLY B 165 29.73 -26.35 7.38
C GLY B 165 28.67 -25.28 7.48
N GLY B 166 28.73 -24.28 6.62
CA GLY B 166 27.75 -23.22 6.67
C GLY B 166 26.38 -23.64 6.17
N TYR B 167 25.36 -22.85 6.54
CA TYR B 167 23.99 -23.08 6.12
C TYR B 167 23.15 -21.86 6.52
N ALA B 168 22.08 -21.61 5.76
CA ALA B 168 21.22 -20.46 6.04
C ALA B 168 20.44 -20.70 7.33
N PHE B 169 19.42 -21.54 7.26
CA PHE B 169 18.60 -21.87 8.42
C PHE B 169 18.52 -23.39 8.47
N LYS B 170 18.65 -23.97 9.65
CA LYS B 170 18.59 -25.41 9.80
C LYS B 170 17.24 -25.96 9.36
N TYR B 171 17.27 -26.94 8.45
CA TYR B 171 16.06 -27.56 7.92
C TYR B 171 15.92 -28.99 8.44
N GLU B 172 14.73 -29.57 8.26
CA GLU B 172 14.48 -30.94 8.71
C GLU B 172 13.07 -31.47 8.44
N ASN B 173 12.07 -30.97 9.14
CA ASN B 173 10.70 -31.46 8.94
C ASN B 173 9.87 -30.51 8.09
N GLY B 174 10.46 -30.03 7.00
CA GLY B 174 9.74 -29.12 6.15
C GLY B 174 9.65 -27.79 6.85
N LYS B 175 10.41 -27.67 7.94
CA LYS B 175 10.41 -26.43 8.72
C LYS B 175 11.82 -25.94 9.01
N TYR B 176 12.05 -24.67 8.66
CA TYR B 176 13.33 -24.03 8.89
C TYR B 176 13.29 -23.42 10.29
N ASP B 177 14.38 -23.60 11.03
CA ASP B 177 14.46 -23.08 12.39
C ASP B 177 15.12 -21.70 12.33
N ILE B 178 14.32 -20.65 12.48
CA ILE B 178 14.87 -19.31 12.42
C ILE B 178 15.67 -18.96 13.68
N LYS B 179 15.72 -19.88 14.63
CA LYS B 179 16.49 -19.67 15.86
C LYS B 179 17.91 -20.19 15.65
N ASP B 180 18.10 -21.00 14.61
CA ASP B 180 19.41 -21.58 14.34
C ASP B 180 19.96 -21.24 12.95
N VAL B 181 20.68 -20.11 12.88
CA VAL B 181 21.30 -19.63 11.64
C VAL B 181 22.71 -20.23 11.58
N GLY B 182 23.12 -20.72 10.41
CA GLY B 182 24.42 -21.36 10.32
C GLY B 182 25.62 -20.64 9.74
N VAL B 183 25.80 -19.37 10.04
CA VAL B 183 26.96 -18.65 9.52
C VAL B 183 28.06 -18.47 10.56
N ASP B 184 27.68 -18.51 11.83
CA ASP B 184 28.63 -18.34 12.92
C ASP B 184 29.16 -19.66 13.46
N ASN B 185 29.91 -20.39 12.64
CA ASN B 185 30.49 -21.66 13.04
C ASN B 185 31.82 -21.90 12.34
N ALA B 186 32.56 -22.91 12.80
CA ALA B 186 33.87 -23.22 12.24
C ALA B 186 33.87 -23.40 10.72
N GLY B 187 32.90 -24.17 10.22
CA GLY B 187 32.83 -24.41 8.78
C GLY B 187 32.69 -23.15 7.94
N ALA B 188 31.80 -22.25 8.36
CA ALA B 188 31.59 -21.01 7.63
C ALA B 188 32.82 -20.12 7.76
N LYS B 189 33.42 -20.11 8.95
CA LYS B 189 34.62 -19.31 9.20
C LYS B 189 35.78 -19.80 8.35
N ALA B 190 35.92 -21.12 8.25
CA ALA B 190 36.99 -21.71 7.45
C ALA B 190 36.86 -21.26 5.98
N GLY B 191 35.64 -21.32 5.46
CA GLY B 191 35.40 -20.93 4.08
C GLY B 191 35.61 -19.44 3.82
N LEU B 192 35.08 -18.59 4.70
CA LEU B 192 35.24 -17.16 4.52
C LEU B 192 36.72 -16.81 4.65
N THR B 193 37.40 -17.47 5.58
CA THR B 193 38.82 -17.26 5.81
C THR B 193 39.64 -17.57 4.56
N PHE B 194 39.29 -18.65 3.87
CA PHE B 194 40.02 -19.02 2.66
C PHE B 194 39.73 -17.98 1.58
N LEU B 195 38.51 -17.45 1.58
CA LEU B 195 38.15 -16.44 0.61
C LEU B 195 38.94 -15.17 0.90
N VAL B 196 38.92 -14.73 2.16
CA VAL B 196 39.65 -13.53 2.55
C VAL B 196 41.13 -13.67 2.21
N ASP B 197 41.70 -14.85 2.45
CA ASP B 197 43.12 -15.09 2.15
C ASP B 197 43.43 -14.99 0.66
N LEU B 198 42.47 -15.37 -0.18
CA LEU B 198 42.68 -15.28 -1.62
C LEU B 198 42.88 -13.81 -1.99
N ILE B 199 42.15 -12.93 -1.31
CA ILE B 199 42.25 -11.51 -1.57
C ILE B 199 43.52 -10.89 -1.03
N LYS B 200 43.92 -11.27 0.18
CA LYS B 200 45.13 -10.70 0.78
C LYS B 200 46.36 -11.15 -0.01
N ASN B 201 46.38 -12.42 -0.41
CA ASN B 201 47.50 -12.96 -1.17
C ASN B 201 47.43 -12.51 -2.63
N LYS B 202 46.54 -11.56 -2.89
CA LYS B 202 46.39 -10.97 -4.22
C LYS B 202 45.94 -11.87 -5.35
N HIS B 203 45.22 -12.95 -5.05
CA HIS B 203 44.72 -13.83 -6.09
C HIS B 203 43.37 -13.32 -6.60
N MET B 204 42.76 -12.43 -5.81
CA MET B 204 41.48 -11.82 -6.19
C MET B 204 41.36 -10.43 -5.57
N ASN B 205 40.65 -9.54 -6.27
CA ASN B 205 40.43 -8.16 -5.83
C ASN B 205 39.09 -8.08 -5.10
N ALA B 206 39.08 -7.37 -3.97
CA ALA B 206 37.86 -7.23 -3.18
C ALA B 206 36.75 -6.43 -3.84
N ASP B 207 37.06 -5.61 -4.84
CA ASP B 207 36.00 -4.83 -5.47
C ASP B 207 35.46 -5.47 -6.75
N THR B 208 35.87 -6.70 -7.02
CA THR B 208 35.39 -7.39 -8.20
C THR B 208 33.88 -7.63 -8.05
N ASP B 209 33.13 -7.27 -9.08
CA ASP B 209 31.68 -7.45 -9.07
C ASP B 209 31.27 -8.22 -10.31
N TYR B 210 29.96 -8.30 -10.56
CA TYR B 210 29.44 -9.04 -11.69
C TYR B 210 30.00 -8.61 -13.04
N SER B 211 29.86 -7.33 -13.36
CA SER B 211 30.34 -6.77 -14.63
C SER B 211 31.83 -7.01 -14.86
N ILE B 212 32.64 -6.63 -13.89
CA ILE B 212 34.08 -6.81 -14.00
C ILE B 212 34.42 -8.26 -14.30
N ALA B 213 33.94 -9.17 -13.46
CA ALA B 213 34.22 -10.59 -13.67
C ALA B 213 33.74 -11.07 -15.05
N GLU B 214 32.52 -10.72 -15.43
CA GLU B 214 31.99 -11.16 -16.71
C GLU B 214 32.85 -10.67 -17.86
N ALA B 215 33.17 -9.38 -17.83
CA ALA B 215 33.99 -8.78 -18.89
C ALA B 215 35.32 -9.52 -18.99
N ALA B 216 35.95 -9.74 -17.84
CA ALA B 216 37.25 -10.41 -17.81
C ALA B 216 37.22 -11.80 -18.43
N PHE B 217 36.19 -12.58 -18.11
CA PHE B 217 36.12 -13.94 -18.64
C PHE B 217 35.83 -13.99 -20.13
N ASN B 218 34.89 -13.17 -20.57
CA ASN B 218 34.51 -13.16 -21.98
C ASN B 218 35.56 -12.53 -22.89
N LYS B 219 36.59 -11.93 -22.30
CA LYS B 219 37.67 -11.33 -23.07
C LYS B 219 38.91 -12.24 -23.09
N GLY B 220 38.84 -13.33 -22.33
CA GLY B 220 39.96 -14.26 -22.29
C GLY B 220 41.08 -13.82 -21.35
N GLU B 221 40.73 -13.02 -20.35
CA GLU B 221 41.70 -12.53 -19.38
C GLU B 221 41.80 -13.38 -18.11
N THR B 222 40.81 -14.22 -17.87
CA THR B 222 40.82 -15.05 -16.67
C THR B 222 40.39 -16.47 -17.05
N ALA B 223 41.09 -17.47 -16.52
CA ALA B 223 40.81 -18.86 -16.84
C ALA B 223 39.45 -19.38 -16.40
N MET B 224 38.93 -18.86 -15.30
CA MET B 224 37.66 -19.33 -14.77
C MET B 224 36.78 -18.24 -14.18
N THR B 225 35.50 -18.55 -14.07
CA THR B 225 34.54 -17.66 -13.45
C THR B 225 33.45 -18.53 -12.83
N ILE B 226 32.64 -17.94 -11.96
CA ILE B 226 31.57 -18.66 -11.30
C ILE B 226 30.28 -17.95 -11.68
N ASN B 227 29.37 -18.67 -12.31
CA ASN B 227 28.12 -18.06 -12.76
C ASN B 227 27.05 -19.07 -13.15
N GLY B 228 25.83 -18.57 -13.36
CA GLY B 228 24.71 -19.43 -13.70
C GLY B 228 24.42 -19.55 -15.18
N PRO B 229 23.39 -20.33 -15.56
CA PRO B 229 22.96 -20.57 -16.94
C PRO B 229 22.58 -19.29 -17.70
N TRP B 230 22.19 -18.27 -16.96
CA TRP B 230 21.77 -16.99 -17.53
C TRP B 230 22.91 -16.21 -18.21
N ALA B 231 24.14 -16.66 -18.01
CA ALA B 231 25.29 -15.99 -18.58
C ALA B 231 25.87 -16.69 -19.80
N TRP B 232 25.40 -17.91 -20.06
CA TRP B 232 25.91 -18.68 -21.18
C TRP B 232 25.79 -17.97 -22.52
N SER B 233 24.65 -17.31 -22.75
CA SER B 233 24.42 -16.57 -24.00
C SER B 233 25.56 -15.60 -24.30
N ASN B 234 25.87 -14.73 -23.35
CA ASN B 234 26.94 -13.75 -23.52
C ASN B 234 28.29 -14.39 -23.84
N ILE B 235 28.51 -15.60 -23.35
CA ILE B 235 29.77 -16.28 -23.60
C ILE B 235 29.79 -16.91 -25.00
N ASP B 236 28.63 -17.32 -25.47
CA ASP B 236 28.55 -17.93 -26.79
C ASP B 236 28.94 -16.90 -27.86
N THR B 237 28.46 -15.67 -27.71
CA THR B 237 28.78 -14.62 -28.66
C THR B 237 30.27 -14.27 -28.64
N SER B 238 30.85 -14.20 -27.44
CA SER B 238 32.27 -13.87 -27.29
C SER B 238 33.14 -14.94 -27.94
N LYS B 239 32.52 -16.06 -28.26
CA LYS B 239 33.20 -17.16 -28.92
C LYS B 239 34.28 -17.85 -28.08
N VAL B 240 34.48 -17.40 -26.85
CA VAL B 240 35.47 -18.05 -25.97
C VAL B 240 35.11 -19.53 -25.92
N ASN B 241 36.09 -20.40 -26.08
CA ASN B 241 35.84 -21.84 -26.03
C ASN B 241 35.78 -22.23 -24.55
N TYR B 242 34.57 -22.22 -24.00
CA TYR B 242 34.37 -22.50 -22.58
C TYR B 242 33.79 -23.86 -22.22
N GLY B 243 33.85 -24.15 -20.93
CA GLY B 243 33.31 -25.38 -20.40
C GLY B 243 32.60 -25.04 -19.11
N VAL B 244 31.62 -25.87 -18.72
CA VAL B 244 30.88 -25.66 -17.50
C VAL B 244 31.04 -26.95 -16.70
N THR B 245 31.41 -26.85 -15.43
CA THR B 245 31.63 -28.06 -14.64
C THR B 245 31.33 -27.90 -13.14
N VAL B 246 31.57 -28.96 -12.38
CA VAL B 246 31.32 -28.93 -10.94
C VAL B 246 32.18 -27.88 -10.20
N LEU B 247 31.58 -27.18 -9.26
CA LEU B 247 32.37 -26.20 -8.49
C LEU B 247 33.51 -26.93 -7.78
N PRO B 248 34.60 -26.22 -7.42
CA PRO B 248 35.70 -26.91 -6.74
C PRO B 248 35.28 -27.30 -5.33
N THR B 249 35.97 -28.31 -4.79
CA THR B 249 35.69 -28.76 -3.43
C THR B 249 36.55 -27.91 -2.51
N PHE B 250 36.20 -27.90 -1.23
CA PHE B 250 36.98 -27.18 -0.23
C PHE B 250 37.05 -28.13 0.96
N LYS B 251 38.27 -28.46 1.38
CA LYS B 251 38.49 -29.40 2.47
C LYS B 251 37.82 -30.72 2.11
N GLY B 252 37.85 -31.05 0.83
CA GLY B 252 37.26 -32.30 0.35
C GLY B 252 35.73 -32.31 0.27
N GLN B 253 35.11 -31.23 0.70
CA GLN B 253 33.66 -31.11 0.69
C GLN B 253 33.19 -30.36 -0.55
N PRO B 254 32.02 -30.67 -1.09
CA PRO B 254 31.54 -29.97 -2.29
C PRO B 254 31.19 -28.53 -1.96
N SER B 255 31.27 -27.65 -2.96
CA SER B 255 30.88 -26.26 -2.75
C SER B 255 29.37 -26.41 -2.65
N LYS B 256 28.72 -25.57 -1.87
CA LYS B 256 27.27 -25.66 -1.72
C LYS B 256 26.51 -24.42 -2.15
N PRO B 257 26.28 -24.29 -3.46
CA PRO B 257 25.56 -23.12 -3.96
C PRO B 257 24.06 -23.28 -3.68
N PHE B 258 23.39 -22.14 -3.55
CA PHE B 258 21.95 -22.14 -3.33
C PHE B 258 21.26 -22.64 -4.57
N VAL B 259 20.24 -23.47 -4.40
CA VAL B 259 19.53 -24.01 -5.53
C VAL B 259 18.17 -23.36 -5.66
N GLY B 260 17.84 -22.95 -6.87
CA GLY B 260 16.54 -22.33 -7.14
C GLY B 260 15.72 -23.29 -7.97
N VAL B 261 14.47 -23.48 -7.58
CA VAL B 261 13.58 -24.40 -8.29
C VAL B 261 12.34 -23.70 -8.82
N LEU B 262 12.29 -23.52 -10.14
CA LEU B 262 11.14 -22.89 -10.77
C LEU B 262 9.99 -23.85 -10.51
N SER B 263 8.93 -23.34 -9.88
CA SER B 263 7.79 -24.16 -9.53
C SER B 263 6.46 -23.55 -9.92
N ALA B 264 5.44 -24.41 -9.99
CA ALA B 264 4.11 -24.00 -10.34
C ALA B 264 3.16 -24.23 -9.17
N GLY B 265 2.60 -23.14 -8.66
CA GLY B 265 1.66 -23.25 -7.56
C GLY B 265 0.24 -23.00 -8.03
N ILE B 266 -0.71 -23.56 -7.31
CA ILE B 266 -2.11 -23.38 -7.67
C ILE B 266 -2.73 -22.40 -6.68
N ASN B 267 -3.39 -21.39 -7.23
CA ASN B 267 -4.03 -20.36 -6.40
C ASN B 267 -5.05 -21.01 -5.47
N ALA B 268 -4.95 -20.74 -4.19
CA ALA B 268 -5.90 -21.33 -3.23
C ALA B 268 -7.34 -20.89 -3.54
N ALA B 269 -7.50 -19.72 -4.13
CA ALA B 269 -8.83 -19.21 -4.45
C ALA B 269 -9.33 -19.68 -5.80
N SER B 270 -8.56 -20.51 -6.48
CA SER B 270 -8.97 -21.01 -7.79
C SER B 270 -10.09 -22.04 -7.72
N PRO B 271 -11.08 -21.93 -8.61
CA PRO B 271 -12.17 -22.90 -8.61
C PRO B 271 -11.84 -23.99 -9.64
N ASN B 272 -10.63 -23.93 -10.16
CA ASN B 272 -10.18 -24.87 -11.20
C ASN B 272 -8.98 -25.72 -10.77
N LYS B 273 -8.93 -26.11 -9.50
CA LYS B 273 -7.80 -26.89 -9.02
C LYS B 273 -7.58 -28.21 -9.75
N GLU B 274 -8.67 -28.90 -10.10
CA GLU B 274 -8.57 -30.17 -10.80
C GLU B 274 -8.02 -29.97 -12.21
N LEU B 275 -8.51 -28.96 -12.93
CA LEU B 275 -8.02 -28.69 -14.27
C LEU B 275 -6.54 -28.32 -14.17
N ALA B 276 -6.18 -27.55 -13.14
CA ALA B 276 -4.78 -27.12 -12.98
C ALA B 276 -3.86 -28.34 -12.80
N LYS B 277 -4.29 -29.27 -11.97
CA LYS B 277 -3.51 -30.48 -11.72
C LYS B 277 -3.36 -31.31 -13.00
N GLU B 278 -4.45 -31.45 -13.73
CA GLU B 278 -4.44 -32.20 -14.98
C GLU B 278 -3.44 -31.55 -15.93
N PHE B 279 -3.55 -30.24 -16.09
CA PHE B 279 -2.65 -29.52 -16.98
C PHE B 279 -1.19 -29.68 -16.56
N LEU B 280 -0.89 -29.44 -15.29
CA LEU B 280 0.48 -29.53 -14.80
C LEU B 280 1.07 -30.94 -14.84
N GLU B 281 0.33 -31.90 -14.30
CA GLU B 281 0.82 -33.27 -14.26
C GLU B 281 0.85 -34.01 -15.60
N ASN B 282 -0.23 -33.91 -16.36
CA ASN B 282 -0.30 -34.67 -17.60
C ASN B 282 -0.05 -33.94 -18.91
N TYR B 283 0.22 -32.64 -18.84
CA TYR B 283 0.51 -31.93 -20.07
C TYR B 283 1.88 -31.28 -19.99
N LEU B 284 2.07 -30.39 -19.01
CA LEU B 284 3.34 -29.70 -18.86
C LEU B 284 4.51 -30.60 -18.43
N LEU B 285 4.35 -31.27 -17.29
CA LEU B 285 5.40 -32.14 -16.78
C LEU B 285 5.52 -33.47 -17.49
N THR B 286 5.70 -33.41 -18.81
CA THR B 286 5.90 -34.60 -19.65
C THR B 286 7.07 -34.26 -20.56
N ASP B 287 7.68 -35.25 -21.20
CA ASP B 287 8.80 -34.94 -22.09
C ASP B 287 8.36 -33.92 -23.14
N GLU B 288 7.21 -34.16 -23.77
CA GLU B 288 6.69 -33.26 -24.80
C GLU B 288 6.39 -31.85 -24.26
N GLY B 289 5.82 -31.78 -23.06
CA GLY B 289 5.50 -30.50 -22.46
C GLY B 289 6.74 -29.67 -22.14
N LEU B 290 7.69 -30.26 -21.43
CA LEU B 290 8.92 -29.54 -21.10
C LEU B 290 9.72 -29.21 -22.35
N GLU B 291 9.74 -30.10 -23.34
CA GLU B 291 10.47 -29.83 -24.57
C GLU B 291 9.89 -28.57 -25.24
N ALA B 292 8.56 -28.49 -25.27
CA ALA B 292 7.87 -27.34 -25.86
C ALA B 292 8.32 -26.03 -25.22
N VAL B 293 8.31 -26.00 -23.89
CA VAL B 293 8.74 -24.80 -23.18
C VAL B 293 10.23 -24.57 -23.37
N ASN B 294 11.02 -25.64 -23.28
CA ASN B 294 12.46 -25.55 -23.42
C ASN B 294 12.87 -25.02 -24.80
N LYS B 295 12.21 -25.50 -25.86
CA LYS B 295 12.50 -25.04 -27.22
C LYS B 295 12.37 -23.53 -27.35
N ASP B 296 11.32 -22.97 -26.75
CA ASP B 296 11.09 -21.53 -26.78
C ASP B 296 12.28 -20.87 -26.07
N LYS B 297 12.47 -21.21 -24.80
CA LYS B 297 13.58 -20.70 -24.00
C LYS B 297 14.05 -21.82 -23.06
N PRO B 298 15.37 -22.11 -23.06
CA PRO B 298 15.98 -23.15 -22.24
C PRO B 298 15.62 -23.09 -20.76
N LEU B 299 15.11 -24.21 -20.24
CA LEU B 299 14.74 -24.30 -18.84
C LEU B 299 15.96 -24.62 -17.99
N GLY B 300 17.04 -25.06 -18.64
CA GLY B 300 18.24 -25.43 -17.91
C GLY B 300 18.08 -26.89 -17.50
N ALA B 301 18.32 -27.21 -16.23
CA ALA B 301 18.14 -28.59 -15.78
C ALA B 301 16.68 -28.70 -15.30
N VAL B 302 16.02 -29.80 -15.62
CA VAL B 302 14.62 -29.96 -15.22
C VAL B 302 14.43 -31.01 -14.12
N ALA B 303 13.33 -30.88 -13.38
CA ALA B 303 13.02 -31.80 -12.29
C ALA B 303 12.51 -33.16 -12.75
N LEU B 304 11.99 -33.22 -13.97
CA LEU B 304 11.47 -34.47 -14.52
C LEU B 304 12.64 -35.34 -14.98
N LYS B 305 12.87 -36.45 -14.29
CA LYS B 305 13.99 -37.35 -14.60
C LYS B 305 14.11 -37.77 -16.06
N SER B 306 13.00 -38.22 -16.64
CA SER B 306 13.04 -38.68 -18.03
C SER B 306 13.59 -37.62 -18.98
N TYR B 307 13.11 -36.38 -18.86
CA TYR B 307 13.59 -35.33 -19.75
C TYR B 307 14.98 -34.80 -19.38
N GLU B 308 15.28 -34.73 -18.08
CA GLU B 308 16.58 -34.27 -17.64
C GLU B 308 17.66 -35.19 -18.21
N GLU B 309 17.36 -36.49 -18.24
CA GLU B 309 18.30 -37.46 -18.77
C GLU B 309 18.71 -37.10 -20.20
N GLU B 310 17.75 -36.64 -20.99
CA GLU B 310 18.08 -36.26 -22.36
C GLU B 310 18.86 -34.95 -22.37
N LEU B 311 18.38 -33.95 -21.64
CA LEU B 311 19.05 -32.65 -21.61
C LEU B 311 20.49 -32.72 -21.10
N ALA B 312 20.73 -33.56 -20.09
CA ALA B 312 22.06 -33.70 -19.52
C ALA B 312 23.09 -34.23 -20.52
N LYS B 313 22.65 -34.55 -21.73
CA LYS B 313 23.59 -35.00 -22.75
C LYS B 313 24.45 -33.78 -23.07
N ASP B 314 23.95 -32.61 -22.68
CA ASP B 314 24.68 -31.35 -22.84
C ASP B 314 25.43 -31.26 -21.52
N PRO B 315 26.76 -31.41 -21.54
CA PRO B 315 27.53 -31.34 -20.29
C PRO B 315 27.26 -30.10 -19.43
N ARG B 316 26.89 -28.98 -20.04
CA ARG B 316 26.63 -27.77 -19.27
C ARG B 316 25.40 -27.97 -18.37
N ILE B 317 24.40 -28.68 -18.90
CA ILE B 317 23.18 -28.94 -18.15
C ILE B 317 23.51 -29.95 -17.06
N ALA B 318 24.29 -30.96 -17.42
CA ALA B 318 24.70 -31.99 -16.47
C ALA B 318 25.42 -31.37 -15.27
N ALA B 319 26.32 -30.42 -15.54
CA ALA B 319 27.07 -29.75 -14.47
C ALA B 319 26.13 -28.92 -13.59
N THR B 320 25.18 -28.24 -14.21
CA THR B 320 24.21 -27.44 -13.44
C THR B 320 23.45 -28.36 -12.46
N MET B 321 23.02 -29.53 -12.96
CA MET B 321 22.28 -30.46 -12.13
C MET B 321 23.18 -31.05 -11.03
N GLU B 322 24.43 -31.34 -11.37
CA GLU B 322 25.36 -31.89 -10.38
C GLU B 322 25.58 -30.88 -9.26
N ASN B 323 25.80 -29.62 -9.63
CA ASN B 323 26.00 -28.58 -8.63
C ASN B 323 24.74 -28.36 -7.80
N ALA B 324 23.57 -28.45 -8.43
CA ALA B 324 22.32 -28.27 -7.69
C ALA B 324 22.10 -29.41 -6.71
N GLN B 325 22.37 -30.64 -7.14
CA GLN B 325 22.19 -31.80 -6.26
C GLN B 325 23.10 -31.72 -5.03
N LYS B 326 24.23 -31.05 -5.16
CA LYS B 326 25.18 -30.90 -4.07
C LYS B 326 24.98 -29.63 -3.23
N GLY B 327 24.22 -28.67 -3.76
CA GLY B 327 23.98 -27.42 -3.06
C GLY B 327 22.90 -27.39 -2.00
N GLU B 328 22.64 -26.19 -1.50
CA GLU B 328 21.63 -25.97 -0.48
C GLU B 328 20.39 -25.38 -1.15
N ILE B 329 19.25 -26.06 -1.00
CA ILE B 329 18.01 -25.54 -1.56
C ILE B 329 17.78 -24.22 -0.82
N MET B 330 17.54 -23.15 -1.56
CA MET B 330 17.32 -21.86 -0.92
C MET B 330 16.11 -21.94 0.00
N PRO B 331 16.27 -21.57 1.29
CA PRO B 331 15.12 -21.64 2.18
C PRO B 331 13.95 -20.86 1.59
N ASN B 332 12.76 -21.41 1.70
CA ASN B 332 11.56 -20.77 1.13
C ASN B 332 10.80 -19.86 2.10
N ILE B 333 11.51 -19.22 3.02
CA ILE B 333 10.86 -18.34 3.98
C ILE B 333 11.28 -16.89 3.74
N PRO B 334 10.37 -15.93 4.00
CA PRO B 334 10.68 -14.52 3.78
C PRO B 334 11.83 -13.97 4.63
N GLN B 335 12.10 -14.60 5.77
CA GLN B 335 13.19 -14.17 6.63
C GLN B 335 14.56 -14.27 5.96
N MET B 336 14.61 -14.85 4.77
CA MET B 336 15.89 -14.94 4.08
C MET B 336 16.37 -13.53 3.75
N SER B 337 15.42 -12.59 3.68
CA SER B 337 15.75 -11.19 3.39
C SER B 337 16.82 -10.74 4.37
N ALA B 338 16.64 -11.11 5.64
CA ALA B 338 17.59 -10.75 6.68
C ALA B 338 18.96 -11.39 6.41
N PHE B 339 18.95 -12.67 6.11
CA PHE B 339 20.17 -13.43 5.82
C PHE B 339 21.01 -12.80 4.71
N TRP B 340 20.38 -12.49 3.57
CA TRP B 340 21.08 -11.88 2.45
C TRP B 340 21.74 -10.58 2.87
N TYR B 341 20.97 -9.74 3.56
CA TYR B 341 21.46 -8.45 4.03
C TYR B 341 22.65 -8.60 4.98
N ALA B 342 22.53 -9.49 5.96
CA ALA B 342 23.61 -9.69 6.94
C ALA B 342 24.87 -10.27 6.32
N VAL B 343 24.73 -11.36 5.57
CA VAL B 343 25.89 -12.00 4.94
C VAL B 343 26.59 -11.08 3.94
N ARG B 344 25.81 -10.25 3.25
CA ARG B 344 26.39 -9.33 2.29
C ARG B 344 27.38 -8.41 2.99
N THR B 345 26.95 -7.89 4.14
CA THR B 345 27.77 -6.98 4.93
C THR B 345 28.96 -7.72 5.55
N ALA B 346 28.73 -8.93 6.03
CA ALA B 346 29.78 -9.73 6.65
C ALA B 346 30.96 -9.94 5.70
N VAL B 347 30.66 -10.35 4.46
CA VAL B 347 31.72 -10.59 3.49
C VAL B 347 32.43 -9.29 3.13
N ILE B 348 31.64 -8.28 2.76
CA ILE B 348 32.18 -6.96 2.41
C ILE B 348 33.20 -6.51 3.44
N ASN B 349 32.83 -6.61 4.71
CA ASN B 349 33.73 -6.18 5.78
C ASN B 349 34.93 -7.09 6.03
N ALA B 350 34.74 -8.40 5.95
CA ALA B 350 35.84 -9.32 6.17
C ALA B 350 36.88 -9.19 5.06
N ALA B 351 36.40 -8.97 3.85
CA ALA B 351 37.29 -8.83 2.71
C ALA B 351 38.02 -7.49 2.70
N SER B 352 37.46 -6.50 3.37
CA SER B 352 38.08 -5.17 3.42
C SER B 352 38.94 -5.00 4.66
N GLY B 353 38.86 -5.96 5.58
CA GLY B 353 39.63 -5.89 6.81
C GLY B 353 38.88 -5.10 7.87
N ARG B 354 37.87 -4.36 7.43
CA ARG B 354 37.06 -3.54 8.32
C ARG B 354 36.56 -4.35 9.52
N GLN B 355 36.62 -5.67 9.39
CA GLN B 355 36.22 -6.61 10.44
C GLN B 355 36.97 -7.91 10.21
N THR B 356 37.27 -8.62 11.29
CA THR B 356 37.95 -9.90 11.15
C THR B 356 36.88 -10.91 10.78
N VAL B 357 37.30 -12.08 10.30
CA VAL B 357 36.34 -13.11 9.91
C VAL B 357 35.41 -13.45 11.07
N ASP B 358 36.00 -13.74 12.23
CA ASP B 358 35.22 -14.09 13.40
C ASP B 358 34.22 -13.00 13.80
N GLU B 359 34.61 -11.74 13.59
CA GLU B 359 33.75 -10.62 13.92
C GLU B 359 32.61 -10.46 12.92
N ALA B 360 32.94 -10.58 11.64
CA ALA B 360 31.95 -10.41 10.59
C ALA B 360 30.83 -11.45 10.64
N LEU B 361 31.15 -12.65 11.12
CA LEU B 361 30.17 -13.73 11.19
C LEU B 361 29.50 -13.91 12.55
N ALA B 362 29.96 -13.17 13.56
CA ALA B 362 29.38 -13.29 14.89
C ALA B 362 27.93 -12.79 14.90
N MET B 363 27.06 -13.52 15.59
CA MET B 363 25.66 -13.15 15.68
C MET B 363 25.41 -12.18 16.82
N ASP B 364 25.51 -10.89 16.49
CA ASP B 364 25.30 -9.82 17.46
C ASP B 364 24.03 -9.05 17.14
N GLY B 365 23.89 -7.88 17.74
CA GLY B 365 22.71 -7.05 17.52
C GLY B 365 22.29 -6.81 16.08
N HIS B 366 23.25 -6.63 15.18
CA HIS B 366 22.94 -6.38 13.78
C HIS B 366 22.16 -7.52 13.15
N TRP B 367 22.59 -8.76 13.40
CA TRP B 367 21.91 -9.90 12.85
C TRP B 367 20.49 -10.00 13.40
N PHE B 368 20.34 -9.71 14.69
CA PHE B 368 19.02 -9.78 15.29
C PHE B 368 18.12 -8.64 14.86
N LEU B 369 18.70 -7.47 14.60
CA LEU B 369 17.91 -6.32 14.17
C LEU B 369 17.35 -6.62 12.80
N LYS B 370 18.16 -7.24 11.95
CA LYS B 370 17.72 -7.56 10.60
C LYS B 370 16.64 -8.65 10.64
N LEU B 371 16.79 -9.61 11.56
CA LEU B 371 15.82 -10.67 11.70
C LEU B 371 14.50 -10.13 12.23
N LEU B 372 14.57 -9.19 13.17
CA LEU B 372 13.36 -8.59 13.74
C LEU B 372 12.56 -7.88 12.65
N GLN B 373 13.26 -7.15 11.79
CA GLN B 373 12.63 -6.42 10.69
C GLN B 373 11.85 -7.39 9.80
N ALA B 374 12.46 -8.54 9.54
CA ALA B 374 11.82 -9.56 8.72
C ALA B 374 10.54 -10.07 9.37
N GLU B 375 10.61 -10.38 10.67
CA GLU B 375 9.43 -10.88 11.36
C GLU B 375 8.37 -9.79 11.36
N ARG B 376 8.81 -8.55 11.48
CA ARG B 376 7.89 -7.42 11.50
C ARG B 376 7.11 -7.37 10.18
N ASP B 377 7.84 -7.43 9.07
CA ASP B 377 7.21 -7.40 7.75
C ASP B 377 6.19 -8.51 7.51
N ARG B 378 6.51 -9.73 7.91
CA ARG B 378 5.58 -10.82 7.69
C ARG B 378 4.32 -10.71 8.54
N MET B 379 4.48 -10.39 9.82
CA MET B 379 3.33 -10.24 10.70
C MET B 379 2.42 -9.10 10.29
N GLU B 380 3.00 -7.97 9.91
CA GLU B 380 2.18 -6.84 9.50
C GLU B 380 1.37 -7.26 8.28
N GLY B 381 2.01 -8.01 7.37
CA GLY B 381 1.30 -8.48 6.19
C GLY B 381 0.10 -9.32 6.56
N TRP B 382 0.27 -10.21 7.54
CA TRP B 382 -0.84 -11.04 7.96
C TRP B 382 -1.97 -10.19 8.49
N CYS B 383 -1.62 -9.16 9.26
CA CYS B 383 -2.61 -8.28 9.84
C CYS B 383 -3.38 -7.52 8.76
N LYS B 384 -2.66 -6.90 7.83
CA LYS B 384 -3.32 -6.16 6.76
C LYS B 384 -4.30 -7.05 6.00
N GLN B 385 -3.88 -8.26 5.70
CA GLN B 385 -4.74 -9.20 4.98
C GLN B 385 -6.00 -9.57 5.76
N MET B 386 -5.85 -9.77 7.07
CA MET B 386 -6.96 -10.16 7.92
C MET B 386 -7.93 -9.02 8.25
N GLU B 387 -7.40 -7.82 8.45
CA GLU B 387 -8.27 -6.70 8.75
C GLU B 387 -8.95 -6.27 7.47
N ARG B 388 -8.30 -6.53 6.34
CA ARG B 388 -8.88 -6.20 5.05
C ARG B 388 -10.08 -7.13 4.88
N GLU B 389 -10.00 -8.29 5.51
CA GLU B 389 -11.05 -9.30 5.46
C GLU B 389 -12.28 -8.81 6.22
N GLU B 390 -12.08 -8.34 7.45
CA GLU B 390 -13.18 -7.83 8.25
C GLU B 390 -13.94 -6.75 7.49
N ARG B 391 -13.20 -5.96 6.72
CA ARG B 391 -13.80 -4.90 5.92
C ARG B 391 -14.26 -5.50 4.59
N GLU B 392 -13.46 -5.28 3.55
CA GLU B 392 -13.72 -5.77 2.20
C GLU B 392 -15.11 -6.41 2.10
N ASN B 393 -15.16 -7.73 2.29
CA ASN B 393 -16.42 -8.45 2.26
C ASN B 393 -16.87 -8.73 3.69
N ASN B 394 -17.54 -7.73 4.25
CA ASN B 394 -18.06 -7.72 5.62
C ASN B 394 -18.56 -8.98 6.34
N LEU B 395 -18.93 -8.75 7.60
CA LEU B 395 -19.45 -9.76 8.54
C LEU B 395 -19.32 -11.24 8.20
N PRO B 396 -18.54 -11.97 9.01
CA PRO B 396 -18.26 -13.41 8.88
C PRO B 396 -19.07 -14.20 9.93
N GLU B 397 -19.30 -13.56 11.08
CA GLU B 397 -20.06 -14.10 12.22
C GLU B 397 -19.21 -14.27 13.48
N ASP B 398 -18.68 -15.48 13.66
CA ASP B 398 -17.85 -15.82 14.81
C ASP B 398 -16.36 -15.64 14.48
N ILE B 399 -16.08 -15.34 13.23
CA ILE B 399 -14.71 -15.14 12.76
C ILE B 399 -14.13 -13.82 13.27
N LEU B 400 -14.99 -12.83 13.47
CA LEU B 400 -14.55 -11.53 13.96
C LEU B 400 -13.70 -11.70 15.21
N GLY B 401 -14.23 -12.47 16.16
CA GLY B 401 -13.50 -12.72 17.40
C GLY B 401 -12.11 -13.29 17.17
N LYS B 402 -12.02 -14.38 16.42
CA LYS B 402 -10.73 -15.00 16.16
C LYS B 402 -9.81 -14.07 15.40
N ILE B 403 -10.34 -13.38 14.38
CA ILE B 403 -9.54 -12.44 13.61
C ILE B 403 -8.99 -11.34 14.51
N ARG B 404 -9.89 -10.73 15.28
CA ARG B 404 -9.47 -9.66 16.17
C ARG B 404 -8.46 -10.15 17.21
N THR B 405 -8.62 -11.38 17.67
CA THR B 405 -7.70 -11.93 18.66
C THR B 405 -6.33 -12.15 18.02
N ALA B 406 -6.33 -12.75 16.83
CA ALA B 406 -5.09 -13.02 16.13
C ALA B 406 -4.36 -11.71 15.82
N VAL B 407 -5.05 -10.77 15.19
CA VAL B 407 -4.44 -9.49 14.86
C VAL B 407 -4.10 -8.76 16.15
N GLY B 408 -4.99 -8.85 17.13
CA GLY B 408 -4.75 -8.19 18.40
C GLY B 408 -3.44 -8.60 19.06
N SER B 409 -3.23 -9.91 19.23
CA SER B 409 -2.00 -10.37 19.87
C SER B 409 -0.77 -10.03 19.01
N ALA B 410 -0.92 -10.16 17.69
CA ALA B 410 0.18 -9.82 16.78
C ALA B 410 0.63 -8.36 16.93
N GLN B 411 -0.33 -7.44 16.89
CA GLN B 411 0.01 -6.02 16.98
C GLN B 411 0.52 -5.60 18.35
N LEU B 412 0.06 -6.27 19.40
CA LEU B 412 0.55 -5.96 20.73
C LEU B 412 1.99 -6.44 20.88
N LEU B 413 2.27 -7.66 20.42
CA LEU B 413 3.63 -8.19 20.49
C LEU B 413 4.61 -7.29 19.76
N MET B 414 4.21 -6.82 18.57
CA MET B 414 5.10 -5.93 17.81
C MET B 414 5.22 -4.58 18.51
N ALA B 415 4.11 -4.13 19.10
CA ALA B 415 4.10 -2.84 19.79
C ALA B 415 4.90 -2.84 21.09
N GLN B 416 4.90 -3.97 21.80
CA GLN B 416 5.65 -4.06 23.06
C GLN B 416 6.95 -4.84 23.00
N LYS B 417 6.86 -6.14 22.72
CA LYS B 417 8.05 -6.97 22.67
C LYS B 417 9.01 -6.62 21.54
N PHE B 418 8.50 -6.43 20.33
CA PHE B 418 9.40 -6.08 19.22
C PHE B 418 10.11 -4.78 19.55
N TYR B 419 9.39 -3.85 20.16
CA TYR B 419 9.97 -2.55 20.51
C TYR B 419 11.11 -2.72 21.50
N GLN B 420 10.84 -3.47 22.56
CA GLN B 420 11.86 -3.72 23.57
C GLN B 420 13.04 -4.53 23.05
N PHE B 421 12.77 -5.54 22.22
CA PHE B 421 13.87 -6.35 21.69
C PHE B 421 14.81 -5.46 20.89
N ARG B 422 14.25 -4.63 20.02
CA ARG B 422 15.07 -3.74 19.21
C ARG B 422 15.97 -2.89 20.10
N GLU B 423 15.45 -2.42 21.23
CA GLU B 423 16.27 -1.62 22.13
C GLU B 423 17.44 -2.44 22.67
N LEU B 424 17.18 -3.68 23.07
CA LEU B 424 18.24 -4.54 23.57
C LEU B 424 19.34 -4.69 22.53
N CYS B 425 18.93 -5.06 21.31
CA CYS B 425 19.87 -5.23 20.20
C CYS B 425 20.79 -4.03 20.02
N GLU B 426 20.22 -2.84 20.06
CA GLU B 426 21.01 -1.62 19.89
C GLU B 426 21.93 -1.37 21.09
N GLU B 427 21.45 -1.71 22.28
CA GLU B 427 22.26 -1.53 23.49
C GLU B 427 23.43 -2.49 23.41
N ASN B 428 23.18 -3.65 22.80
CA ASN B 428 24.20 -4.66 22.65
C ASN B 428 25.35 -4.14 21.80
N LEU B 429 25.02 -3.21 20.89
CA LEU B 429 26.02 -2.63 20.01
C LEU B 429 26.66 -1.37 20.61
N ASN B 430 26.25 -1.01 21.82
CA ASN B 430 26.81 0.15 22.49
C ASN B 430 27.72 -0.30 23.63
N PRO B 431 29.04 -0.22 23.42
CA PRO B 431 30.07 -0.63 24.40
C PRO B 431 29.80 -0.17 25.84
N ASN B 432 29.22 1.02 26.00
CA ASN B 432 28.92 1.54 27.32
C ASN B 432 27.52 1.07 27.74
N ALA B 433 27.49 0.21 28.75
CA ALA B 433 26.26 -0.40 29.24
C ALA B 433 25.50 0.30 30.37
N HIS B 434 24.46 -0.39 30.84
CA HIS B 434 23.61 0.06 31.93
C HIS B 434 22.40 -0.88 32.13
N PRO B 435 22.59 -2.20 31.92
CA PRO B 435 23.78 -2.95 31.53
C PRO B 435 23.82 -3.11 30.01
N ARG B 436 24.59 -4.08 29.53
CA ARG B 436 24.69 -4.31 28.08
C ARG B 436 24.33 -5.75 27.76
N PRO B 437 23.19 -5.98 27.10
CA PRO B 437 22.81 -7.35 26.75
C PRO B 437 23.91 -8.05 25.97
N THR B 438 24.10 -9.34 26.25
CA THR B 438 25.11 -10.13 25.58
C THR B 438 24.50 -10.76 24.33
N SER B 439 25.35 -11.23 23.42
CA SER B 439 24.87 -11.88 22.22
C SER B 439 24.00 -13.05 22.65
N GLN B 440 24.39 -13.68 23.76
CA GLN B 440 23.63 -14.79 24.30
C GLN B 440 22.32 -14.31 24.90
N ASP B 441 22.33 -13.12 25.51
CA ASP B 441 21.11 -12.57 26.09
C ASP B 441 20.16 -12.33 24.93
N LEU B 442 20.69 -11.74 23.86
CA LEU B 442 19.90 -11.46 22.67
C LEU B 442 19.25 -12.74 22.15
N ALA B 443 20.02 -13.82 22.10
CA ALA B 443 19.51 -15.10 21.62
C ALA B 443 18.40 -15.63 22.52
N GLY B 444 18.55 -15.43 23.83
CA GLY B 444 17.53 -15.91 24.75
C GLY B 444 16.19 -15.22 24.50
N PHE B 445 16.22 -13.90 24.43
CA PHE B 445 15.03 -13.10 24.18
C PHE B 445 14.44 -13.48 22.82
N TRP B 446 15.32 -13.74 21.85
CA TRP B 446 14.87 -14.10 20.50
C TRP B 446 14.13 -15.44 20.48
N ASP B 447 14.68 -16.42 21.20
CA ASP B 447 14.08 -17.75 21.25
C ASP B 447 12.65 -17.70 21.79
N MET B 448 12.42 -16.90 22.83
CA MET B 448 11.08 -16.79 23.38
C MET B 448 10.20 -15.92 22.49
N LEU B 449 10.81 -14.96 21.81
CA LEU B 449 10.05 -14.10 20.91
C LEU B 449 9.59 -14.99 19.75
N GLN B 450 10.48 -15.86 19.30
CA GLN B 450 10.17 -16.78 18.22
C GLN B 450 9.02 -17.72 18.59
N LEU B 451 8.97 -18.11 19.86
CA LEU B 451 7.92 -19.01 20.31
C LEU B 451 6.60 -18.26 20.24
N SER B 452 6.60 -17.02 20.69
CA SER B 452 5.41 -16.19 20.67
C SER B 452 4.92 -16.02 19.23
N ILE B 453 5.85 -15.69 18.34
CA ILE B 453 5.53 -15.50 16.92
C ILE B 453 4.92 -16.76 16.30
N GLU B 454 5.42 -17.92 16.71
CA GLU B 454 4.93 -19.19 16.18
C GLU B 454 3.48 -19.42 16.61
N ASN B 455 3.16 -19.03 17.84
CA ASN B 455 1.80 -19.18 18.35
C ASN B 455 0.85 -18.32 17.51
N ILE B 456 1.21 -17.06 17.28
CA ILE B 456 0.37 -16.18 16.48
C ILE B 456 0.29 -16.76 15.07
N SER B 457 1.40 -17.30 14.59
CA SER B 457 1.47 -17.89 13.27
C SER B 457 0.43 -19.00 13.12
N MET B 458 0.23 -19.79 14.18
CA MET B 458 -0.75 -20.87 14.14
C MET B 458 -2.17 -20.33 14.10
N LYS B 459 -2.45 -19.29 14.87
CA LYS B 459 -3.78 -18.70 14.88
C LYS B 459 -4.15 -18.17 13.49
N PHE B 460 -3.16 -17.66 12.77
CA PHE B 460 -3.43 -17.15 11.43
C PHE B 460 -3.63 -18.30 10.46
N ASP B 461 -3.01 -19.44 10.75
CA ASP B 461 -3.17 -20.63 9.91
C ASP B 461 -4.63 -21.05 10.04
N GLU B 462 -5.07 -21.20 11.30
CA GLU B 462 -6.44 -21.58 11.60
C GLU B 462 -7.40 -20.73 10.77
N LEU B 463 -7.25 -19.40 10.86
CA LEU B 463 -8.10 -18.48 10.12
C LEU B 463 -8.04 -18.79 8.64
N HIS B 464 -6.83 -19.03 8.14
CA HIS B 464 -6.65 -19.35 6.73
C HIS B 464 -7.31 -20.68 6.37
N GLN B 465 -7.22 -21.64 7.28
CA GLN B 465 -7.83 -22.95 7.06
C GLN B 465 -9.33 -22.80 6.87
N LEU B 466 -10.04 -22.44 7.93
CA LEU B 466 -11.48 -22.27 7.86
C LEU B 466 -11.81 -21.03 7.02
N LYS B 467 -10.75 -20.30 6.65
CA LYS B 467 -10.88 -19.07 5.86
C LYS B 467 -11.80 -18.07 6.55
N ALA B 468 -11.30 -16.86 6.80
CA ALA B 468 -12.09 -15.82 7.44
C ALA B 468 -13.34 -15.54 6.63
N ASN B 469 -14.29 -16.47 6.73
CA ASN B 469 -15.56 -16.39 6.03
C ASN B 469 -16.31 -17.61 6.53
N ASN B 470 -15.78 -18.17 7.62
CA ASN B 470 -16.33 -19.34 8.29
C ASN B 470 -16.46 -20.58 7.41
N TRP B 471 -16.61 -20.39 6.11
CA TRP B 471 -16.75 -21.53 5.22
C TRP B 471 -15.76 -21.65 4.08
N LYS B 472 -14.95 -22.68 4.22
CA LYS B 472 -13.89 -23.09 3.30
C LYS B 472 -13.19 -24.10 4.21
N GLN B 473 -13.93 -24.47 5.26
CA GLN B 473 -13.48 -25.40 6.28
C GLN B 473 -13.81 -26.84 5.87
#